data_4ZU2
#
_entry.id   4ZU2
#
_cell.length_a   108.440
_cell.length_b   133.970
_cell.length_c   83.350
_cell.angle_alpha   90.00
_cell.angle_beta   139.46
_cell.angle_gamma   90.00
#
_symmetry.space_group_name_H-M   'C 1 2 1'
#
loop_
_entity.id
_entity.type
_entity.pdbx_description
1 polymer 'Putative isohexenylglutaconyl-CoA hydratase'
2 non-polymer 'IODIDE ION'
3 water water
#
_entity_poly.entity_id   1
_entity_poly.type   'polypeptide(L)'
_entity_poly.pdbx_seq_one_letter_code
;MSLPHCETLLLEPIEGVLRITLNRPQSRNAMSLAMVGELRAVLAAVRDDRSVRALVLRGADGHFCAGGDIKDMAGARAAG
AEAYRTLNRAFGSLLEEAQAAPQLLVALVEGAVLGGGFGLACVSDVAIAAADAQFGLPETSLGILPAQIAPFVVRRIGLT
QARRLALTAARFDGREALRLGLVHFCEADADALEQRLEETLEQLRRCAPNANAATKALLLASESGELGALLDDAARQFAE
AVGGAEGSEGTLAFVQKRKPVWAQGSHHHHHH
;
_entity_poly.pdbx_strand_id   A,B,C
#
# COMPACT_ATOMS: atom_id res chain seq x y z
N GLU A 7 -10.53 -17.99 -32.49
CA GLU A 7 -9.62 -17.22 -31.69
C GLU A 7 -8.62 -18.19 -30.94
N THR A 8 -7.92 -17.65 -29.93
CA THR A 8 -7.28 -18.40 -28.85
C THR A 8 -8.10 -18.17 -27.60
N LEU A 9 -9.30 -17.63 -27.78
CA LEU A 9 -10.21 -17.37 -26.68
C LEU A 9 -11.54 -17.97 -27.00
N LEU A 10 -12.28 -18.26 -25.95
CA LEU A 10 -13.68 -18.54 -26.07
C LEU A 10 -14.49 -17.47 -25.32
N LEU A 11 -15.34 -16.79 -26.09
CA LEU A 11 -16.17 -15.71 -25.58
C LEU A 11 -17.57 -16.22 -25.19
N GLU A 12 -18.04 -15.84 -23.99
CA GLU A 12 -19.40 -16.24 -23.53
C GLU A 12 -20.24 -15.09 -22.98
N PRO A 13 -20.90 -14.34 -23.86
CA PRO A 13 -21.70 -13.21 -23.35
C PRO A 13 -23.11 -13.52 -22.81
N ILE A 14 -23.25 -13.57 -21.49
CA ILE A 14 -24.55 -13.75 -20.83
C ILE A 14 -25.10 -12.42 -20.32
N GLU A 15 -25.88 -11.74 -21.14
CA GLU A 15 -26.58 -10.53 -20.74
C GLU A 15 -25.58 -9.37 -20.64
N GLY A 16 -25.30 -8.92 -19.43
CA GLY A 16 -24.31 -7.88 -19.23
C GLY A 16 -22.93 -8.42 -18.87
N VAL A 17 -22.77 -9.75 -18.78
CA VAL A 17 -21.49 -10.35 -18.35
C VAL A 17 -20.79 -11.04 -19.50
N LEU A 18 -19.61 -10.56 -19.88
CA LEU A 18 -18.81 -11.22 -20.94
C LEU A 18 -17.73 -12.09 -20.27
N ARG A 19 -17.91 -13.41 -20.32
CA ARG A 19 -16.89 -14.33 -19.87
C ARG A 19 -15.86 -14.58 -20.96
N ILE A 20 -14.58 -14.58 -20.59
CA ILE A 20 -13.49 -14.71 -21.57
C ILE A 20 -12.56 -15.78 -21.08
N THR A 21 -12.37 -16.85 -21.86
CA THR A 21 -11.56 -17.97 -21.39
C THR A 21 -10.31 -18.10 -22.22
N LEU A 22 -9.20 -18.12 -21.54
CA LEU A 22 -7.93 -18.29 -22.21
C LEU A 22 -7.87 -19.78 -22.52
N ASN A 23 -7.65 -20.06 -23.78
CA ASN A 23 -7.94 -21.37 -24.32
C ASN A 23 -6.81 -21.93 -25.18
N ARG A 24 -5.68 -22.19 -24.55
CA ARG A 24 -4.61 -22.98 -25.16
C ARG A 24 -4.12 -23.92 -24.07
N PRO A 25 -4.97 -24.89 -23.66
CA PRO A 25 -4.75 -25.74 -22.48
C PRO A 25 -3.50 -26.58 -22.58
N GLN A 26 -3.14 -26.88 -23.82
CA GLN A 26 -1.93 -27.56 -24.20
C GLN A 26 -0.66 -26.93 -23.67
N SER A 27 -0.61 -25.59 -23.62
CA SER A 27 0.55 -24.90 -23.06
C SER A 27 0.21 -24.15 -21.78
N ARG A 28 -0.73 -24.74 -21.02
CA ARG A 28 -1.28 -24.14 -19.81
C ARG A 28 -1.63 -22.66 -20.07
N ASN A 29 -2.14 -22.41 -21.27
CA ASN A 29 -2.70 -21.13 -21.68
C ASN A 29 -1.67 -20.00 -21.73
N ALA A 30 -0.51 -20.30 -22.27
CA ALA A 30 0.58 -19.33 -22.35
C ALA A 30 0.09 -18.18 -23.22
N MET A 31 0.49 -16.97 -22.89
CA MET A 31 0.13 -15.83 -23.72
C MET A 31 0.92 -15.90 -24.98
N SER A 32 0.23 -16.14 -26.08
CA SER A 32 0.85 -16.03 -27.33
C SER A 32 0.69 -14.58 -27.77
N LEU A 33 1.44 -14.23 -28.80
CA LEU A 33 1.33 -12.96 -29.50
C LEU A 33 -0.11 -12.80 -30.06
N ALA A 34 -0.60 -13.87 -30.68
CA ALA A 34 -2.03 -13.93 -31.07
C ALA A 34 -3.05 -13.70 -29.91
N MET A 35 -2.83 -14.34 -28.76
CA MET A 35 -3.75 -14.18 -27.64
C MET A 35 -3.76 -12.73 -27.09
N VAL A 36 -2.61 -12.12 -26.90
CA VAL A 36 -2.54 -10.70 -26.53
C VAL A 36 -3.29 -9.83 -27.55
N GLY A 37 -3.09 -10.09 -28.83
CA GLY A 37 -3.82 -9.36 -29.85
C GLY A 37 -5.33 -9.52 -29.66
N GLU A 38 -5.78 -10.75 -29.43
CA GLU A 38 -7.20 -10.99 -29.38
C GLU A 38 -7.79 -10.37 -28.11
N LEU A 39 -7.04 -10.38 -27.01
CA LEU A 39 -7.57 -9.88 -25.76
C LEU A 39 -7.75 -8.39 -25.85
N ARG A 40 -6.83 -7.77 -26.58
CA ARG A 40 -6.82 -6.32 -26.75
C ARG A 40 -7.97 -5.92 -27.62
N ALA A 41 -8.25 -6.75 -28.62
CA ALA A 41 -9.33 -6.49 -29.56
C ALA A 41 -10.68 -6.59 -28.90
N VAL A 42 -10.85 -7.61 -28.05
CA VAL A 42 -12.06 -7.79 -27.28
C VAL A 42 -12.27 -6.64 -26.28
N LEU A 43 -11.21 -6.19 -25.60
CA LEU A 43 -11.35 -5.14 -24.62
C LEU A 43 -11.77 -3.84 -25.30
N ALA A 44 -11.26 -3.58 -26.51
CA ALA A 44 -11.61 -2.36 -27.23
C ALA A 44 -13.03 -2.44 -27.77
N ALA A 45 -13.44 -3.66 -28.13
CA ALA A 45 -14.81 -3.91 -28.58
C ALA A 45 -15.88 -3.44 -27.61
N VAL A 46 -15.67 -3.75 -26.33
CA VAL A 46 -16.66 -3.47 -25.30
C VAL A 46 -16.37 -2.21 -24.44
N ARG A 47 -15.15 -1.68 -24.54
CA ARG A 47 -14.75 -0.51 -23.77
C ARG A 47 -15.88 0.52 -23.63
N ASP A 48 -16.45 0.97 -24.74
CA ASP A 48 -17.50 2.01 -24.73
C ASP A 48 -18.92 1.44 -24.62
N ASP A 49 -19.04 0.13 -24.43
CA ASP A 49 -20.36 -0.48 -24.35
C ASP A 49 -20.81 -0.78 -22.93
N ARG A 50 -21.78 0.02 -22.46
CA ARG A 50 -22.24 -0.04 -21.07
C ARG A 50 -23.27 -1.14 -20.84
N SER A 51 -23.70 -1.80 -21.91
CA SER A 51 -24.45 -3.02 -21.75
C SER A 51 -23.50 -4.12 -21.21
N VAL A 52 -22.20 -4.02 -21.47
CA VAL A 52 -21.22 -4.99 -20.91
C VAL A 52 -20.66 -4.46 -19.59
N ARG A 53 -21.10 -5.03 -18.48
CA ARG A 53 -20.92 -4.42 -17.14
C ARG A 53 -19.85 -5.18 -16.37
N ALA A 54 -19.57 -6.43 -16.78
CA ALA A 54 -18.52 -7.22 -16.15
C ALA A 54 -17.77 -8.14 -17.14
N LEU A 55 -16.51 -8.40 -16.81
CA LEU A 55 -15.70 -9.34 -17.56
C LEU A 55 -15.20 -10.36 -16.57
N VAL A 56 -15.29 -11.63 -16.97
CA VAL A 56 -14.71 -12.73 -16.21
C VAL A 56 -13.64 -13.37 -17.06
N LEU A 57 -12.49 -13.54 -16.45
CA LEU A 57 -11.31 -13.86 -17.13
C LEU A 57 -10.89 -15.16 -16.52
N ARG A 58 -10.75 -16.17 -17.37
CA ARG A 58 -10.57 -17.53 -16.90
C ARG A 58 -9.73 -18.35 -17.86
N GLY A 59 -9.20 -19.46 -17.35
CA GLY A 59 -8.31 -20.31 -18.11
C GLY A 59 -8.91 -21.69 -18.34
N ALA A 60 -8.72 -22.23 -19.53
CA ALA A 60 -9.25 -23.53 -19.83
C ALA A 60 -8.51 -24.58 -19.02
N ASP A 61 -9.24 -25.62 -18.59
CA ASP A 61 -8.66 -26.85 -18.05
C ASP A 61 -7.90 -26.79 -16.74
N GLY A 62 -8.24 -25.84 -15.88
CA GLY A 62 -7.64 -25.79 -14.56
C GLY A 62 -6.29 -25.08 -14.46
N HIS A 63 -5.98 -24.25 -15.45
CA HIS A 63 -4.84 -23.35 -15.31
C HIS A 63 -5.29 -21.99 -15.84
N PHE A 64 -4.80 -20.92 -15.22
CA PHE A 64 -5.16 -19.57 -15.65
C PHE A 64 -4.29 -19.13 -16.81
N CYS A 65 -3.01 -18.98 -16.56
CA CYS A 65 -2.07 -18.64 -17.62
C CYS A 65 -0.65 -18.82 -17.09
N ALA A 66 0.11 -19.62 -17.79
CA ALA A 66 1.44 -20.02 -17.37
C ALA A 66 2.59 -19.12 -17.76
N GLY A 67 2.34 -18.04 -18.51
CA GLY A 67 3.41 -17.12 -18.87
C GLY A 67 3.40 -16.77 -20.35
N GLY A 68 4.47 -16.19 -20.84
CA GLY A 68 4.61 -15.95 -22.27
C GLY A 68 4.81 -17.30 -22.95
N ASP A 69 4.30 -17.39 -24.16
CA ASP A 69 4.46 -18.56 -25.03
C ASP A 69 5.93 -18.72 -25.46
N ILE A 70 6.54 -19.87 -25.21
CA ILE A 70 8.01 -19.95 -25.44
C ILE A 70 8.35 -20.01 -26.93
N LYS A 71 7.47 -20.58 -27.72
CA LYS A 71 7.64 -20.67 -29.16
C LYS A 71 7.75 -19.28 -29.71
N ASP A 72 6.84 -18.41 -29.29
CA ASP A 72 6.88 -17.05 -29.80
C ASP A 72 8.11 -16.30 -29.32
N MET A 73 8.57 -16.57 -28.10
CA MET A 73 9.74 -15.84 -27.58
C MET A 73 10.96 -16.37 -28.37
N ALA A 74 10.90 -17.63 -28.76
CA ALA A 74 11.99 -18.24 -29.47
C ALA A 74 12.02 -17.65 -30.91
N GLY A 75 10.87 -17.57 -31.56
CA GLY A 75 10.76 -16.92 -32.86
C GLY A 75 11.27 -15.49 -32.99
N ALA A 76 11.27 -14.72 -31.89
CA ALA A 76 11.61 -13.31 -31.97
C ALA A 76 13.12 -13.04 -32.03
N ARG A 77 13.93 -14.00 -31.61
CA ARG A 77 15.37 -13.79 -31.66
C ARG A 77 15.81 -13.52 -33.10
N ALA A 78 15.10 -14.10 -34.06
CA ALA A 78 15.42 -13.91 -35.47
C ALA A 78 15.31 -12.45 -35.87
N ALA A 79 14.49 -11.69 -35.13
CA ALA A 79 14.28 -10.26 -35.39
C ALA A 79 15.01 -9.31 -34.42
N GLY A 80 15.72 -9.86 -33.44
CA GLY A 80 16.52 -9.04 -32.57
C GLY A 80 15.79 -8.19 -31.52
N ALA A 81 16.58 -7.32 -30.92
CA ALA A 81 16.19 -6.49 -29.78
C ALA A 81 14.91 -5.69 -30.02
N GLU A 82 14.73 -5.21 -31.23
CA GLU A 82 13.60 -4.38 -31.54
C GLU A 82 12.30 -5.18 -31.43
N ALA A 83 12.37 -6.47 -31.70
CA ALA A 83 11.17 -7.31 -31.69
C ALA A 83 10.81 -7.58 -30.25
N TYR A 84 11.84 -7.84 -29.44
CA TYR A 84 11.58 -8.08 -28.02
C TYR A 84 10.93 -6.83 -27.39
N ARG A 85 11.42 -5.63 -27.73
CA ARG A 85 10.90 -4.37 -27.18
C ARG A 85 9.44 -4.14 -27.57
N THR A 86 9.15 -4.24 -28.86
CA THR A 86 7.83 -3.90 -29.38
C THR A 86 6.73 -4.86 -28.92
N LEU A 87 7.06 -6.14 -28.87
CA LEU A 87 6.14 -7.19 -28.40
C LEU A 87 5.94 -7.19 -26.88
N ASN A 88 7.01 -7.02 -26.08
CA ASN A 88 6.89 -6.78 -24.61
C ASN A 88 6.05 -5.51 -24.31
N ARG A 89 6.32 -4.40 -24.99
CA ARG A 89 5.51 -3.20 -24.77
C ARG A 89 4.03 -3.40 -25.10
N ALA A 90 3.73 -4.14 -26.18
CA ALA A 90 2.33 -4.47 -26.47
C ALA A 90 1.68 -5.36 -25.38
N PHE A 91 2.46 -6.17 -24.68
CA PHE A 91 1.88 -6.93 -23.57
C PHE A 91 1.67 -5.90 -22.43
N GLY A 92 2.47 -4.85 -22.40
CA GLY A 92 2.23 -3.79 -21.42
C GLY A 92 0.96 -3.01 -21.77
N SER A 93 0.70 -2.84 -23.05
CA SER A 93 -0.53 -2.17 -23.46
C SER A 93 -1.74 -3.01 -23.08
N LEU A 94 -1.65 -4.34 -23.16
CA LEU A 94 -2.78 -5.17 -22.71
C LEU A 94 -3.09 -4.92 -21.24
N LEU A 95 -2.06 -4.81 -20.39
CA LEU A 95 -2.26 -4.68 -18.96
C LEU A 95 -2.84 -3.32 -18.67
N GLU A 96 -2.44 -2.34 -19.46
CA GLU A 96 -2.91 -0.97 -19.27
C GLU A 96 -4.40 -0.90 -19.55
N GLU A 97 -4.79 -1.52 -20.66
CA GLU A 97 -6.17 -1.46 -21.14
C GLU A 97 -7.12 -2.40 -20.41
N ALA A 98 -6.57 -3.43 -19.76
CA ALA A 98 -7.39 -4.28 -18.94
C ALA A 98 -7.63 -3.56 -17.60
N GLN A 99 -6.53 -3.13 -16.96
CA GLN A 99 -6.54 -2.33 -15.73
C GLN A 99 -7.54 -1.18 -15.82
N ALA A 100 -7.58 -0.55 -16.98
CA ALA A 100 -8.37 0.65 -17.15
C ALA A 100 -9.73 0.39 -17.79
N ALA A 101 -10.09 -0.88 -17.95
CA ALA A 101 -11.41 -1.21 -18.50
C ALA A 101 -12.59 -0.64 -17.67
N PRO A 102 -13.58 0.00 -18.34
CA PRO A 102 -14.77 0.57 -17.68
C PRO A 102 -15.63 -0.45 -16.90
N GLN A 103 -15.60 -1.68 -17.40
CA GLN A 103 -16.19 -2.85 -16.74
C GLN A 103 -15.49 -3.26 -15.47
N LEU A 104 -16.25 -3.94 -14.60
CA LEU A 104 -15.68 -4.77 -13.54
C LEU A 104 -14.98 -6.01 -14.20
N LEU A 105 -13.73 -6.25 -13.84
CA LEU A 105 -12.95 -7.34 -14.39
C LEU A 105 -12.72 -8.30 -13.24
N VAL A 106 -13.30 -9.49 -13.37
CA VAL A 106 -13.13 -10.51 -12.34
C VAL A 106 -12.17 -11.58 -12.87
N ALA A 107 -11.12 -11.89 -12.11
CA ALA A 107 -10.27 -13.00 -12.47
C ALA A 107 -10.53 -14.24 -11.61
N LEU A 108 -10.82 -15.36 -12.26
CA LEU A 108 -10.92 -16.64 -11.60
C LEU A 108 -9.66 -17.45 -11.89
N VAL A 109 -8.74 -17.48 -10.93
CA VAL A 109 -7.40 -18.02 -11.18
C VAL A 109 -7.23 -19.43 -10.56
N GLU A 110 -6.87 -20.40 -11.39
CA GLU A 110 -6.68 -21.78 -10.97
C GLU A 110 -5.35 -22.21 -11.50
N GLY A 111 -4.71 -23.14 -10.79
CA GLY A 111 -3.48 -23.78 -11.23
C GLY A 111 -2.37 -22.77 -11.44
N ALA A 112 -1.77 -22.77 -12.63
CA ALA A 112 -0.63 -21.90 -12.90
C ALA A 112 -1.03 -20.44 -13.16
N VAL A 113 -0.49 -19.56 -12.34
CA VAL A 113 -0.67 -18.10 -12.46
C VAL A 113 0.73 -17.47 -12.44
N LEU A 114 1.43 -17.57 -13.55
CA LEU A 114 2.89 -17.29 -13.60
C LEU A 114 3.30 -16.28 -14.66
N GLY A 115 4.28 -15.43 -14.31
CA GLY A 115 4.81 -14.43 -15.21
C GLY A 115 3.71 -13.53 -15.72
N GLY A 116 3.64 -13.34 -17.01
CA GLY A 116 2.58 -12.55 -17.61
C GLY A 116 1.19 -12.97 -17.12
N GLY A 117 1.03 -14.22 -16.72
CA GLY A 117 -0.20 -14.71 -16.10
C GLY A 117 -0.49 -14.02 -14.77
N PHE A 118 0.51 -13.98 -13.91
CA PHE A 118 0.52 -13.26 -12.61
C PHE A 118 0.28 -11.77 -12.92
N GLY A 119 0.82 -11.29 -14.03
CA GLY A 119 0.49 -9.96 -14.54
C GLY A 119 -0.99 -9.61 -14.73
N LEU A 120 -1.71 -10.45 -15.44
CA LEU A 120 -3.15 -10.21 -15.62
C LEU A 120 -3.96 -10.22 -14.34
N ALA A 121 -3.60 -11.09 -13.42
CA ALA A 121 -4.29 -11.18 -12.11
C ALA A 121 -4.20 -9.82 -11.39
N CYS A 122 -3.07 -9.17 -11.58
CA CYS A 122 -2.74 -7.96 -10.84
C CYS A 122 -3.54 -6.77 -11.28
N VAL A 123 -4.26 -6.89 -12.41
CA VAL A 123 -5.04 -5.78 -12.92
C VAL A 123 -6.56 -6.02 -12.89
N SER A 124 -6.96 -7.06 -12.18
CA SER A 124 -8.38 -7.31 -11.99
C SER A 124 -8.97 -6.42 -10.85
N ASP A 125 -10.23 -6.06 -10.95
CA ASP A 125 -10.97 -5.46 -9.82
C ASP A 125 -11.28 -6.50 -8.72
N VAL A 126 -11.52 -7.74 -9.12
CA VAL A 126 -11.75 -8.84 -8.21
C VAL A 126 -11.07 -10.14 -8.73
N ALA A 127 -10.17 -10.66 -7.92
CA ALA A 127 -9.52 -11.96 -8.16
C ALA A 127 -9.98 -13.00 -7.13
N ILE A 128 -10.44 -14.13 -7.63
CA ILE A 128 -10.85 -15.28 -6.83
C ILE A 128 -9.93 -16.45 -7.21
N ALA A 129 -9.13 -16.97 -6.28
CA ALA A 129 -8.18 -18.03 -6.60
C ALA A 129 -8.55 -19.35 -5.95
N ALA A 130 -8.15 -20.43 -6.63
CA ALA A 130 -8.17 -21.77 -6.06
C ALA A 130 -7.01 -21.89 -5.07
N ALA A 131 -7.23 -22.45 -3.88
CA ALA A 131 -6.17 -22.59 -2.88
C ALA A 131 -4.93 -23.27 -3.40
N ASP A 132 -5.09 -24.17 -4.37
CA ASP A 132 -3.96 -24.91 -4.90
C ASP A 132 -3.37 -24.25 -6.17
N ALA A 133 -3.75 -23.00 -6.43
CA ALA A 133 -3.17 -22.25 -7.54
C ALA A 133 -1.72 -22.00 -7.20
N GLN A 134 -0.83 -21.98 -8.20
CA GLN A 134 0.57 -21.62 -7.95
C GLN A 134 0.98 -20.36 -8.74
N PHE A 135 1.30 -19.35 -7.94
CA PHE A 135 1.71 -18.02 -8.37
C PHE A 135 3.22 -17.88 -8.34
N GLY A 136 3.73 -17.02 -9.21
CA GLY A 136 5.14 -16.72 -9.19
C GLY A 136 5.53 -15.76 -10.30
N LEU A 137 6.72 -15.20 -10.12
CA LEU A 137 7.40 -14.47 -11.19
C LEU A 137 8.75 -15.13 -11.46
N PRO A 138 8.78 -16.11 -12.37
CA PRO A 138 10.07 -16.81 -12.61
C PRO A 138 11.11 -15.99 -13.37
N GLU A 139 10.73 -14.81 -13.83
CA GLU A 139 11.52 -14.11 -14.82
C GLU A 139 12.96 -13.97 -14.50
N THR A 140 13.32 -13.54 -13.31
CA THR A 140 14.78 -13.36 -13.10
C THR A 140 15.52 -14.70 -12.85
N SER A 141 14.78 -15.78 -12.57
CA SER A 141 15.41 -17.13 -12.54
C SER A 141 15.80 -17.64 -13.95
N LEU A 142 15.50 -16.83 -14.97
CA LEU A 142 15.74 -17.08 -16.37
C LEU A 142 16.56 -15.93 -16.99
N GLY A 143 17.07 -15.05 -16.15
CA GLY A 143 17.87 -13.95 -16.62
C GLY A 143 17.12 -12.82 -17.29
N ILE A 144 15.78 -12.85 -17.27
CA ILE A 144 14.96 -11.76 -17.81
C ILE A 144 14.18 -10.99 -16.70
N LEU A 145 13.29 -10.07 -17.10
CA LEU A 145 12.70 -9.09 -16.20
C LEU A 145 11.19 -9.25 -16.24
N PRO A 146 10.51 -9.22 -15.09
CA PRO A 146 9.07 -8.99 -15.13
C PRO A 146 8.82 -7.48 -15.38
N ALA A 147 9.21 -7.01 -16.57
CA ALA A 147 9.42 -5.58 -16.86
C ALA A 147 8.15 -4.77 -16.93
N GLN A 148 7.18 -5.25 -17.72
CA GLN A 148 5.88 -4.63 -17.82
C GLN A 148 5.07 -4.93 -16.54
N ILE A 149 5.32 -6.09 -15.92
CA ILE A 149 4.60 -6.44 -14.69
C ILE A 149 4.92 -5.49 -13.52
N ALA A 150 6.17 -5.02 -13.45
CA ALA A 150 6.69 -4.37 -12.24
C ALA A 150 5.73 -3.33 -11.64
N PRO A 151 5.30 -2.36 -12.44
CA PRO A 151 4.42 -1.32 -11.91
C PRO A 151 3.05 -1.82 -11.47
N PHE A 152 2.56 -2.88 -12.10
CA PHE A 152 1.26 -3.37 -11.75
C PHE A 152 1.31 -4.25 -10.46
N VAL A 153 2.43 -4.88 -10.20
CA VAL A 153 2.54 -5.68 -9.00
C VAL A 153 2.83 -4.79 -7.79
N VAL A 154 3.65 -3.76 -7.95
CA VAL A 154 3.87 -2.80 -6.87
C VAL A 154 2.53 -2.12 -6.54
N ARG A 155 1.77 -1.75 -7.56
CA ARG A 155 0.41 -1.22 -7.35
C ARG A 155 -0.48 -2.27 -6.66
N ARG A 156 -0.26 -3.54 -6.97
CA ARG A 156 -1.16 -4.58 -6.53
C ARG A 156 -1.04 -4.85 -5.02
N ILE A 157 0.17 -5.08 -4.55
CA ILE A 157 0.43 -5.57 -3.20
C ILE A 157 1.45 -4.72 -2.43
N GLY A 158 2.04 -3.73 -3.11
CA GLY A 158 3.02 -2.83 -2.52
C GLY A 158 4.47 -3.23 -2.78
N LEU A 159 5.37 -2.25 -2.75
CA LEU A 159 6.79 -2.50 -2.97
C LEU A 159 7.33 -3.63 -2.08
N THR A 160 6.83 -3.69 -0.84
CA THR A 160 7.47 -4.50 0.18
C THR A 160 7.29 -5.96 -0.18
N GLN A 161 6.11 -6.32 -0.68
CA GLN A 161 5.92 -7.67 -1.09
C GLN A 161 6.48 -7.95 -2.47
N ALA A 162 6.49 -6.93 -3.33
CA ALA A 162 6.81 -7.13 -4.74
C ALA A 162 8.26 -7.42 -4.88
N ARG A 163 9.07 -6.69 -4.12
CA ARG A 163 10.51 -6.89 -4.15
C ARG A 163 10.90 -8.33 -3.84
N ARG A 164 10.22 -8.99 -2.89
CA ARG A 164 10.56 -10.35 -2.50
C ARG A 164 10.17 -11.31 -3.60
N LEU A 165 8.96 -11.15 -4.17
CA LEU A 165 8.49 -12.08 -5.16
C LEU A 165 9.37 -12.06 -6.38
N ALA A 166 9.68 -10.83 -6.81
CA ALA A 166 10.42 -10.55 -8.00
C ALA A 166 11.93 -10.92 -7.93
N LEU A 167 12.55 -10.66 -6.79
CA LEU A 167 13.97 -10.87 -6.65
C LEU A 167 14.37 -12.27 -6.09
N THR A 168 13.38 -13.14 -5.81
CA THR A 168 13.61 -14.49 -5.30
C THR A 168 12.85 -15.54 -6.15
N ALA A 169 12.00 -15.10 -7.08
CA ALA A 169 11.19 -16.00 -7.91
C ALA A 169 10.38 -17.02 -7.09
N ALA A 170 9.98 -16.62 -5.90
CA ALA A 170 9.22 -17.46 -4.97
C ALA A 170 7.88 -17.96 -5.51
N ARG A 171 7.63 -19.26 -5.40
CA ARG A 171 6.33 -19.81 -5.70
C ARG A 171 5.53 -19.77 -4.39
N PHE A 172 4.20 -19.76 -4.51
CA PHE A 172 3.31 -19.68 -3.36
C PHE A 172 1.90 -19.90 -3.86
N ASP A 173 1.02 -20.27 -2.93
CA ASP A 173 -0.31 -20.72 -3.29
C ASP A 173 -1.36 -19.70 -3.05
N GLY A 174 -2.59 -20.10 -3.40
CA GLY A 174 -3.76 -19.27 -3.19
C GLY A 174 -3.94 -18.68 -1.80
N ARG A 175 -3.68 -19.45 -0.75
CA ARG A 175 -4.00 -18.99 0.59
C ARG A 175 -3.01 -17.86 0.86
N GLU A 176 -1.77 -18.04 0.43
CA GLU A 176 -0.76 -17.01 0.53
C GLU A 176 -1.12 -15.78 -0.31
N ALA A 177 -1.85 -15.97 -1.40
CA ALA A 177 -2.07 -14.84 -2.32
C ALA A 177 -3.16 -13.95 -1.79
N LEU A 178 -4.06 -14.53 -1.01
CA LEU A 178 -5.03 -13.82 -0.23
C LEU A 178 -4.37 -13.04 0.92
N ARG A 179 -3.37 -13.65 1.54
CA ARG A 179 -2.73 -13.05 2.70
C ARG A 179 -1.95 -11.79 2.31
N LEU A 180 -1.28 -11.87 1.16
CA LEU A 180 -0.43 -10.79 0.60
C LEU A 180 -1.24 -9.72 -0.12
N GLY A 181 -2.56 -9.90 -0.22
CA GLY A 181 -3.41 -8.92 -0.86
C GLY A 181 -3.39 -8.99 -2.38
N LEU A 182 -2.96 -10.14 -2.91
CA LEU A 182 -2.81 -10.30 -4.36
C LEU A 182 -4.14 -10.62 -4.99
N VAL A 183 -4.93 -11.40 -4.25
CA VAL A 183 -6.28 -11.74 -4.65
C VAL A 183 -7.21 -11.43 -3.47
N HIS A 184 -8.51 -11.36 -3.76
CA HIS A 184 -9.52 -10.93 -2.81
C HIS A 184 -10.24 -12.08 -2.09
N PHE A 185 -10.28 -13.26 -2.70
CA PHE A 185 -10.86 -14.46 -2.10
C PHE A 185 -10.04 -15.71 -2.49
N CYS A 186 -9.94 -16.65 -1.55
CA CYS A 186 -9.38 -17.97 -1.80
C CYS A 186 -10.43 -19.02 -1.44
N GLU A 187 -10.86 -19.82 -2.42
CA GLU A 187 -11.80 -20.94 -2.19
C GLU A 187 -11.12 -22.29 -2.39
N ALA A 188 -11.56 -23.29 -1.62
CA ALA A 188 -10.91 -24.60 -1.59
C ALA A 188 -11.40 -25.57 -2.67
N ASP A 189 -12.53 -25.28 -3.29
CA ASP A 189 -13.06 -26.14 -4.36
C ASP A 189 -13.86 -25.39 -5.40
N ALA A 190 -14.18 -26.07 -6.49
CA ALA A 190 -14.76 -25.43 -7.66
C ALA A 190 -16.19 -24.95 -7.46
N ASP A 191 -16.95 -25.63 -6.61
CA ASP A 191 -18.31 -25.19 -6.35
C ASP A 191 -18.24 -23.90 -5.54
N ALA A 192 -17.23 -23.84 -4.66
CA ALA A 192 -16.99 -22.69 -3.81
C ALA A 192 -16.45 -21.55 -4.67
N LEU A 193 -15.59 -21.90 -5.63
CA LEU A 193 -14.96 -20.90 -6.47
C LEU A 193 -16.05 -20.25 -7.26
N GLU A 194 -17.00 -21.08 -7.71
CA GLU A 194 -18.08 -20.64 -8.60
C GLU A 194 -19.15 -19.87 -7.86
N GLN A 195 -19.32 -20.16 -6.57
CA GLN A 195 -20.37 -19.54 -5.81
C GLN A 195 -19.90 -18.15 -5.54
N ARG A 196 -18.64 -18.03 -5.14
CA ARG A 196 -18.03 -16.73 -4.94
C ARG A 196 -18.15 -15.87 -6.18
N LEU A 197 -17.98 -16.47 -7.34
CA LEU A 197 -18.02 -15.70 -8.58
C LEU A 197 -19.40 -15.14 -8.78
N GLU A 198 -20.41 -16.01 -8.71
CA GLU A 198 -21.77 -15.57 -8.89
C GLU A 198 -22.21 -14.62 -7.74
N GLU A 199 -21.63 -14.75 -6.55
CA GLU A 199 -21.95 -13.82 -5.49
C GLU A 199 -21.49 -12.42 -5.90
N THR A 200 -20.20 -12.34 -6.27
CA THR A 200 -19.56 -11.11 -6.75
C THR A 200 -20.39 -10.49 -7.86
N LEU A 201 -20.84 -11.31 -8.78
CA LEU A 201 -21.59 -10.82 -9.92
C LEU A 201 -22.96 -10.29 -9.52
N GLU A 202 -23.53 -10.79 -8.44
CA GLU A 202 -24.84 -10.29 -8.07
C GLU A 202 -24.61 -8.98 -7.29
N GLN A 203 -23.51 -8.88 -6.55
CA GLN A 203 -23.17 -7.59 -5.94
C GLN A 203 -22.98 -6.49 -6.97
N LEU A 204 -22.38 -6.88 -8.09
CA LEU A 204 -22.06 -5.95 -9.15
C LEU A 204 -23.28 -5.44 -9.87
N ARG A 205 -24.33 -6.26 -9.93
CA ARG A 205 -25.52 -5.90 -10.71
C ARG A 205 -26.37 -4.83 -10.01
N ARG A 206 -26.16 -4.67 -8.69
CA ARG A 206 -26.71 -3.57 -7.91
C ARG A 206 -26.16 -2.23 -8.44
N CYS A 207 -24.97 -2.28 -9.04
CA CYS A 207 -24.17 -1.09 -9.31
C CYS A 207 -24.29 -0.63 -10.75
N ALA A 208 -24.59 0.65 -10.94
CA ALA A 208 -24.78 1.22 -12.29
C ALA A 208 -23.48 1.24 -13.11
N PRO A 209 -23.58 1.09 -14.43
CA PRO A 209 -22.37 1.01 -15.26
C PRO A 209 -21.63 2.32 -15.55
N ASN A 210 -22.33 3.41 -15.79
CA ASN A 210 -21.63 4.68 -15.94
C ASN A 210 -21.03 5.15 -14.62
N ALA A 211 -21.71 4.87 -13.51
CA ALA A 211 -21.18 5.24 -12.20
C ALA A 211 -19.92 4.47 -11.91
N ASN A 212 -19.96 3.15 -12.12
CA ASN A 212 -18.79 2.31 -11.88
C ASN A 212 -17.61 2.79 -12.73
N ALA A 213 -17.88 3.03 -14.01
CA ALA A 213 -16.86 3.45 -14.94
C ALA A 213 -16.13 4.75 -14.48
N ALA A 214 -16.89 5.82 -14.23
CA ALA A 214 -16.36 7.07 -13.69
C ALA A 214 -15.59 6.84 -12.39
N THR A 215 -16.17 6.02 -11.52
CA THR A 215 -15.56 5.76 -10.25
C THR A 215 -14.20 5.05 -10.37
N LYS A 216 -14.11 4.08 -11.27
CA LYS A 216 -12.89 3.30 -11.49
C LYS A 216 -11.74 4.19 -12.05
N ALA A 217 -12.06 5.10 -12.95
CA ALA A 217 -11.06 6.07 -13.44
C ALA A 217 -10.48 6.95 -12.34
N LEU A 218 -11.33 7.42 -11.43
CA LEU A 218 -10.89 8.28 -10.32
C LEU A 218 -9.93 7.54 -9.42
N LEU A 219 -10.26 6.30 -9.10
CA LEU A 219 -9.42 5.48 -8.22
C LEU A 219 -8.05 5.26 -8.85
N LEU A 220 -8.03 5.03 -10.14
CA LEU A 220 -6.79 4.77 -10.84
C LEU A 220 -5.95 6.03 -10.88
N ALA A 221 -6.61 7.15 -11.06
CA ALA A 221 -5.96 8.45 -11.09
C ALA A 221 -5.46 8.82 -9.73
N SER A 222 -6.07 8.32 -8.65
CA SER A 222 -5.63 8.63 -7.26
C SER A 222 -4.23 8.22 -6.93
N GLU A 223 -3.69 7.27 -7.67
CA GLU A 223 -2.38 6.74 -7.32
C GLU A 223 -1.30 7.81 -7.48
N SER A 224 -1.38 8.53 -8.60
CA SER A 224 -0.34 9.52 -8.93
C SER A 224 -0.85 10.99 -8.99
N GLY A 225 -2.16 11.20 -9.04
CA GLY A 225 -2.70 12.55 -9.24
C GLY A 225 -2.58 13.44 -8.00
N GLU A 226 -2.02 14.63 -8.16
CA GLU A 226 -2.03 15.66 -7.10
C GLU A 226 -3.45 15.77 -6.54
N LEU A 227 -3.57 15.77 -5.22
CA LEU A 227 -4.89 15.60 -4.56
C LEU A 227 -5.87 16.75 -4.83
N GLY A 228 -5.37 17.97 -4.76
CA GLY A 228 -6.22 19.14 -4.90
C GLY A 228 -7.00 19.16 -6.18
N ALA A 229 -6.27 19.04 -7.29
CA ALA A 229 -6.82 19.04 -8.63
C ALA A 229 -7.60 17.77 -8.89
N LEU A 230 -7.15 16.66 -8.34
CA LEU A 230 -7.96 15.48 -8.46
C LEU A 230 -9.36 15.68 -7.80
N LEU A 231 -9.40 16.21 -6.58
CA LEU A 231 -10.70 16.48 -5.94
C LEU A 231 -11.59 17.42 -6.71
N ASP A 232 -10.97 18.43 -7.30
CA ASP A 232 -11.66 19.42 -8.13
C ASP A 232 -12.40 18.71 -9.20
N ASP A 233 -11.68 17.83 -9.92
CA ASP A 233 -12.29 17.18 -11.04
C ASP A 233 -13.38 16.21 -10.57
N ALA A 234 -13.07 15.53 -9.48
CA ALA A 234 -13.98 14.57 -8.87
C ALA A 234 -15.31 15.28 -8.56
N ALA A 235 -15.28 16.52 -8.07
CA ALA A 235 -16.51 17.24 -7.72
C ALA A 235 -17.36 17.50 -8.95
N ARG A 236 -16.74 17.91 -10.05
CA ARG A 236 -17.44 18.06 -11.31
C ARG A 236 -18.08 16.72 -11.74
N GLN A 237 -17.39 15.62 -11.51
CA GLN A 237 -17.87 14.34 -12.00
C GLN A 237 -19.04 13.90 -11.15
N PHE A 238 -18.96 14.15 -9.85
CA PHE A 238 -20.08 13.85 -8.96
C PHE A 238 -21.36 14.60 -9.36
N ALA A 239 -21.23 15.84 -9.82
CA ALA A 239 -22.39 16.66 -10.13
C ALA A 239 -22.99 16.14 -11.38
N GLU A 240 -22.15 15.66 -12.28
CA GLU A 240 -22.60 15.18 -13.56
C GLU A 240 -23.22 13.80 -13.40
N ALA A 241 -22.86 13.12 -12.33
CA ALA A 241 -23.47 11.82 -12.04
C ALA A 241 -24.86 11.96 -11.40
N VAL A 242 -25.01 12.86 -10.43
CA VAL A 242 -26.28 12.95 -9.68
C VAL A 242 -27.41 13.33 -10.62
N GLY A 243 -27.08 14.18 -11.59
CA GLY A 243 -28.05 14.78 -12.47
C GLY A 243 -28.16 14.10 -13.82
N GLY A 244 -27.48 12.98 -13.98
CA GLY A 244 -27.56 12.22 -15.21
C GLY A 244 -28.63 11.16 -15.09
N ALA A 245 -28.91 10.49 -16.21
CA ALA A 245 -30.07 9.60 -16.25
C ALA A 245 -29.63 8.27 -15.71
N GLU A 246 -29.18 8.26 -14.45
CA GLU A 246 -28.65 7.07 -13.80
C GLU A 246 -28.60 7.37 -12.29
N GLY A 247 -28.04 8.54 -11.97
CA GLY A 247 -28.00 9.00 -10.61
C GLY A 247 -29.39 9.44 -10.18
N SER A 248 -30.15 9.97 -11.12
CA SER A 248 -31.55 10.29 -10.83
C SER A 248 -32.42 9.00 -10.67
N GLU A 249 -32.39 8.05 -11.62
CA GLU A 249 -33.02 6.71 -11.41
C GLU A 249 -32.56 6.02 -10.13
N GLY A 250 -31.27 6.11 -9.85
CA GLY A 250 -30.71 5.44 -8.70
C GLY A 250 -31.20 6.02 -7.40
N THR A 251 -31.13 7.34 -7.26
CA THR A 251 -31.54 8.02 -6.00
C THR A 251 -33.05 7.98 -5.80
N LEU A 252 -33.76 7.81 -6.91
CA LEU A 252 -35.19 7.62 -6.89
C LEU A 252 -35.56 6.24 -6.32
N ALA A 253 -35.09 5.18 -6.98
CA ALA A 253 -35.26 3.81 -6.48
C ALA A 253 -35.00 3.75 -4.98
N PHE A 254 -34.09 4.57 -4.52
CA PHE A 254 -33.71 4.62 -3.12
C PHE A 254 -34.80 5.25 -2.23
N VAL A 255 -35.37 6.38 -2.66
CA VAL A 255 -36.39 7.03 -1.83
C VAL A 255 -37.71 6.29 -1.95
N GLN A 256 -37.98 5.79 -3.15
CA GLN A 256 -38.99 4.77 -3.33
C GLN A 256 -38.32 3.58 -2.69
N LYS A 257 -38.99 2.45 -2.58
CA LYS A 257 -38.35 1.37 -1.87
C LYS A 257 -38.12 0.17 -2.77
N ARG A 258 -37.42 0.43 -3.86
CA ARG A 258 -37.20 -0.57 -4.90
C ARG A 258 -35.77 -0.59 -5.46
N LYS A 259 -35.57 -1.56 -6.33
CA LYS A 259 -34.32 -1.76 -6.98
C LYS A 259 -34.29 -0.75 -8.11
N PRO A 260 -33.13 -0.10 -8.36
CA PRO A 260 -33.00 0.65 -9.61
C PRO A 260 -33.03 -0.33 -10.77
N VAL A 261 -33.26 0.14 -11.98
CA VAL A 261 -33.52 -0.78 -13.07
C VAL A 261 -32.33 -1.71 -13.38
N TRP A 262 -31.12 -1.17 -13.37
CA TRP A 262 -29.92 -1.96 -13.67
C TRP A 262 -29.86 -3.11 -12.71
N ALA A 263 -30.41 -2.97 -11.52
CA ALA A 263 -30.40 -4.07 -10.53
C ALA A 263 -31.51 -5.10 -10.72
N GLN A 264 -32.26 -4.97 -11.83
CA GLN A 264 -33.38 -5.89 -12.19
C GLN A 264 -32.92 -6.99 -13.16
N GLU B 7 36.65 -1.31 12.83
CA GLU B 7 35.37 -1.28 12.14
C GLU B 7 34.29 -1.55 13.15
N THR B 8 33.06 -1.20 12.77
CA THR B 8 31.85 -1.39 13.58
C THR B 8 30.97 -2.51 13.02
N LEU B 9 31.44 -3.07 11.90
CA LEU B 9 30.71 -4.11 11.20
C LEU B 9 31.61 -5.29 11.15
N LEU B 10 31.07 -6.47 10.91
CA LEU B 10 31.94 -7.57 10.57
C LEU B 10 31.51 -8.27 9.27
N LEU B 11 32.38 -8.14 8.28
CA LEU B 11 32.15 -8.61 6.93
C LEU B 11 32.57 -10.06 6.77
N GLU B 12 31.67 -10.90 6.27
CA GLU B 12 32.00 -12.29 5.97
C GLU B 12 31.53 -12.66 4.56
N PRO B 13 32.35 -12.35 3.55
CA PRO B 13 31.96 -12.63 2.16
C PRO B 13 32.05 -14.10 1.81
N ILE B 14 30.91 -14.76 1.59
CA ILE B 14 30.92 -16.17 1.20
C ILE B 14 30.21 -16.32 -0.15
N GLU B 15 30.87 -16.96 -1.10
CA GLU B 15 30.35 -17.14 -2.44
C GLU B 15 29.88 -15.80 -2.98
N GLY B 16 28.59 -15.66 -3.25
CA GLY B 16 28.02 -14.38 -3.68
C GLY B 16 27.15 -13.71 -2.61
N VAL B 17 27.26 -14.21 -1.38
CA VAL B 17 26.55 -13.68 -0.24
C VAL B 17 27.53 -12.96 0.66
N LEU B 18 27.28 -11.68 0.90
CA LEU B 18 28.06 -10.93 1.85
C LEU B 18 27.31 -10.75 3.18
N ARG B 19 27.79 -11.41 4.24
CA ARG B 19 27.23 -11.23 5.56
C ARG B 19 27.78 -9.98 6.25
N ILE B 20 26.88 -9.08 6.66
CA ILE B 20 27.27 -7.86 7.35
C ILE B 20 26.68 -7.86 8.76
N THR B 21 27.49 -8.07 9.78
CA THR B 21 26.98 -8.00 11.16
C THR B 21 27.18 -6.62 11.76
N LEU B 22 26.11 -6.05 12.31
CA LEU B 22 26.24 -4.87 13.16
C LEU B 22 26.84 -5.35 14.48
N ASN B 23 28.00 -4.79 14.83
CA ASN B 23 28.85 -5.32 15.88
C ASN B 23 29.29 -4.26 16.90
N ARG B 24 28.33 -3.84 17.71
CA ARG B 24 28.58 -3.01 18.90
C ARG B 24 27.59 -3.49 19.95
N PRO B 25 27.70 -4.75 20.38
CA PRO B 25 26.68 -5.36 21.26
C PRO B 25 26.53 -4.67 22.63
N GLN B 26 27.57 -3.97 23.05
CA GLN B 26 27.52 -3.11 24.23
C GLN B 26 26.30 -2.17 24.19
N SER B 27 26.11 -1.60 22.99
CA SER B 27 25.13 -0.55 22.74
C SER B 27 23.96 -1.15 22.00
N ARG B 28 23.88 -2.49 22.02
CA ARG B 28 22.93 -3.19 21.17
C ARG B 28 23.13 -2.78 19.72
N ASN B 29 24.39 -2.60 19.33
CA ASN B 29 24.75 -2.30 17.95
C ASN B 29 24.11 -0.99 17.50
N ALA B 30 24.01 -0.06 18.44
CA ALA B 30 23.38 1.20 18.15
C ALA B 30 24.20 1.87 17.04
N MET B 31 23.58 2.72 16.26
CA MET B 31 24.24 3.27 15.08
C MET B 31 25.17 4.43 15.41
N SER B 32 26.42 4.16 15.77
CA SER B 32 27.43 5.24 15.87
C SER B 32 27.52 6.00 14.54
N LEU B 33 28.14 7.16 14.55
CA LEU B 33 28.26 7.93 13.31
C LEU B 33 29.10 7.16 12.29
N ALA B 34 30.07 6.40 12.77
CA ALA B 34 31.06 5.82 11.91
C ALA B 34 30.50 4.61 11.16
N MET B 35 29.63 3.84 11.81
CA MET B 35 29.01 2.71 11.13
C MET B 35 28.14 3.19 9.96
N VAL B 36 27.54 4.38 10.10
CA VAL B 36 26.86 5.00 8.98
C VAL B 36 27.92 5.09 7.88
N GLY B 37 29.07 5.67 8.20
CA GLY B 37 30.11 5.84 7.18
C GLY B 37 30.51 4.51 6.58
N GLU B 38 30.64 3.52 7.45
CA GLU B 38 31.18 2.22 7.12
C GLU B 38 30.13 1.34 6.42
N LEU B 39 28.85 1.55 6.71
CA LEU B 39 27.81 0.83 5.97
C LEU B 39 27.69 1.43 4.57
N ARG B 40 27.82 2.74 4.46
CA ARG B 40 27.73 3.39 3.16
C ARG B 40 28.86 3.01 2.22
N ALA B 41 30.00 2.61 2.77
CA ALA B 41 31.17 2.41 1.94
C ALA B 41 31.20 0.98 1.47
N VAL B 42 30.65 0.09 2.29
CA VAL B 42 30.57 -1.30 1.91
C VAL B 42 29.58 -1.38 0.76
N LEU B 43 28.44 -0.71 0.93
CA LEU B 43 27.41 -0.70 -0.11
C LEU B 43 27.99 -0.16 -1.39
N ALA B 44 28.82 0.86 -1.27
CA ALA B 44 29.40 1.53 -2.43
C ALA B 44 30.45 0.63 -3.06
N ALA B 45 31.14 -0.12 -2.21
CA ALA B 45 32.14 -1.09 -2.66
C ALA B 45 31.56 -2.25 -3.47
N VAL B 46 30.36 -2.69 -3.16
CA VAL B 46 29.78 -3.83 -3.86
C VAL B 46 28.79 -3.42 -4.93
N ARG B 47 28.56 -2.11 -5.08
CA ARG B 47 27.47 -1.59 -5.92
C ARG B 47 27.51 -2.13 -7.37
N ASP B 48 28.70 -2.12 -7.97
CA ASP B 48 28.90 -2.55 -9.35
C ASP B 48 29.37 -4.00 -9.45
N ASP B 49 29.33 -4.71 -8.33
CA ASP B 49 29.92 -6.03 -8.28
C ASP B 49 28.85 -7.15 -8.37
N ARG B 50 28.75 -7.74 -9.54
CA ARG B 50 27.75 -8.76 -9.76
C ARG B 50 28.14 -10.12 -9.25
N SER B 51 29.37 -10.25 -8.77
CA SER B 51 29.74 -11.46 -8.02
C SER B 51 29.09 -11.39 -6.62
N VAL B 52 28.81 -10.16 -6.15
CA VAL B 52 28.10 -9.96 -4.90
C VAL B 52 26.57 -9.98 -5.16
N ARG B 53 25.96 -11.11 -4.84
CA ARG B 53 24.58 -11.39 -5.22
C ARG B 53 23.55 -10.99 -4.14
N ALA B 54 23.96 -11.04 -2.86
CA ALA B 54 23.08 -10.84 -1.69
C ALA B 54 23.91 -10.33 -0.54
N LEU B 55 23.33 -9.39 0.19
CA LEU B 55 23.84 -8.91 1.47
C LEU B 55 22.92 -9.47 2.54
N VAL B 56 23.49 -9.96 3.63
CA VAL B 56 22.72 -10.39 4.81
C VAL B 56 23.06 -9.51 6.01
N LEU B 57 22.06 -8.79 6.50
CA LEU B 57 22.24 -7.79 7.55
C LEU B 57 21.72 -8.32 8.90
N ARG B 58 22.63 -8.49 9.86
CA ARG B 58 22.32 -9.01 11.22
C ARG B 58 22.91 -8.14 12.32
N GLY B 59 22.25 -8.07 13.46
CA GLY B 59 22.86 -7.50 14.65
C GLY B 59 23.58 -8.58 15.45
N ALA B 60 24.73 -8.22 16.00
CA ALA B 60 25.45 -9.10 16.92
C ALA B 60 24.74 -9.28 18.28
N ASP B 61 24.85 -10.50 18.81
CA ASP B 61 24.60 -10.77 20.23
C ASP B 61 23.13 -10.65 20.65
N GLY B 62 22.21 -10.91 19.71
CA GLY B 62 20.79 -10.93 20.00
C GLY B 62 19.99 -9.64 19.81
N HIS B 63 20.57 -8.62 19.19
CA HIS B 63 19.86 -7.36 18.92
C HIS B 63 20.26 -6.83 17.57
N PHE B 64 19.25 -6.48 16.76
CA PHE B 64 19.51 -5.93 15.44
C PHE B 64 20.17 -4.54 15.57
N CYS B 65 19.42 -3.56 16.07
CA CYS B 65 19.90 -2.20 16.19
C CYS B 65 18.91 -1.36 16.97
N ALA B 66 19.34 -0.88 18.14
CA ALA B 66 18.49 -0.13 19.07
C ALA B 66 18.33 1.38 18.77
N GLY B 67 18.94 1.87 17.68
CA GLY B 67 18.83 3.28 17.32
C GLY B 67 20.14 3.91 16.86
N GLY B 68 20.22 5.24 16.89
CA GLY B 68 21.48 5.96 16.69
C GLY B 68 22.23 6.07 18.02
N ASP B 69 23.54 5.89 17.98
CA ASP B 69 24.38 5.82 19.19
C ASP B 69 24.30 7.06 20.11
N ILE B 70 23.93 6.80 21.36
CA ILE B 70 23.71 7.78 22.42
C ILE B 70 24.87 8.78 22.61
N LYS B 71 26.06 8.27 22.95
CA LYS B 71 27.25 9.12 23.13
C LYS B 71 27.58 10.06 21.95
N ASP B 72 27.44 9.55 20.73
CA ASP B 72 27.84 10.32 19.55
C ASP B 72 26.91 11.48 19.29
N MET B 73 25.66 11.27 19.70
CA MET B 73 24.58 12.17 19.43
C MET B 73 24.63 13.25 20.52
N ALA B 74 24.89 12.80 21.75
CA ALA B 74 25.23 13.71 22.85
C ALA B 74 26.40 14.60 22.44
N GLY B 75 27.48 13.96 21.99
CA GLY B 75 28.69 14.66 21.62
C GLY B 75 28.47 15.72 20.57
N ALA B 76 27.43 15.52 19.75
CA ALA B 76 27.20 16.32 18.54
C ALA B 76 26.79 17.78 18.81
N ARG B 77 26.15 18.02 19.96
CA ARG B 77 25.72 19.38 20.34
C ARG B 77 26.89 20.35 20.28
N ALA B 78 28.05 19.90 20.75
CA ALA B 78 29.27 20.70 20.73
C ALA B 78 29.51 21.32 19.36
N ALA B 79 29.00 20.66 18.31
CA ALA B 79 29.17 21.11 16.93
C ALA B 79 28.01 21.96 16.39
N GLY B 80 26.82 21.82 16.99
CA GLY B 80 25.67 22.65 16.63
C GLY B 80 24.70 22.02 15.64
N ALA B 81 23.58 22.72 15.38
CA ALA B 81 22.47 22.16 14.62
C ALA B 81 22.76 21.91 13.14
N GLU B 82 23.72 22.61 12.55
CA GLU B 82 24.05 22.38 11.14
C GLU B 82 24.82 21.07 10.99
N ALA B 83 25.36 20.56 12.10
CA ALA B 83 26.05 19.28 12.11
C ALA B 83 25.06 18.15 12.31
N TYR B 84 23.91 18.47 12.90
CA TYR B 84 22.79 17.54 13.03
C TYR B 84 22.07 17.35 11.69
N ARG B 85 21.97 18.41 10.90
CA ARG B 85 21.36 18.33 9.58
C ARG B 85 22.11 17.33 8.73
N THR B 86 23.38 17.62 8.48
CA THR B 86 24.18 16.89 7.52
C THR B 86 24.50 15.49 8.04
N LEU B 87 24.44 15.32 9.36
CA LEU B 87 24.59 14.00 9.95
C LEU B 87 23.29 13.25 9.71
N ASN B 88 22.18 13.89 10.01
CA ASN B 88 20.90 13.27 9.76
C ASN B 88 20.74 12.88 8.30
N ARG B 89 21.05 13.82 7.40
CA ARG B 89 20.94 13.59 5.96
C ARG B 89 21.86 12.44 5.49
N ALA B 90 23.03 12.32 6.09
CA ALA B 90 23.98 11.27 5.74
C ALA B 90 23.43 9.91 6.15
N PHE B 91 22.55 9.88 7.15
CA PHE B 91 21.88 8.65 7.53
C PHE B 91 20.74 8.39 6.55
N GLY B 92 20.12 9.48 6.11
CA GLY B 92 19.18 9.42 5.00
C GLY B 92 19.82 8.75 3.79
N SER B 93 21.04 9.17 3.43
CA SER B 93 21.73 8.64 2.26
C SER B 93 22.05 7.15 2.37
N LEU B 94 22.23 6.68 3.59
CA LEU B 94 22.38 5.25 3.84
C LEU B 94 21.07 4.54 3.50
N LEU B 95 19.94 5.11 3.93
CA LEU B 95 18.67 4.52 3.60
C LEU B 95 18.45 4.49 2.07
N GLU B 96 18.85 5.54 1.36
CA GLU B 96 18.66 5.59 -0.10
C GLU B 96 19.52 4.48 -0.77
N GLU B 97 20.81 4.45 -0.41
CA GLU B 97 21.79 3.55 -0.96
C GLU B 97 21.56 2.12 -0.53
N ALA B 98 20.98 1.91 0.65
CA ALA B 98 20.65 0.55 1.00
C ALA B 98 19.41 0.08 0.25
N GLN B 99 18.37 0.90 0.27
CA GLN B 99 17.16 0.65 -0.55
C GLN B 99 17.46 0.38 -2.06
N ALA B 100 18.39 1.14 -2.64
CA ALA B 100 18.71 1.04 -4.08
C ALA B 100 19.82 0.05 -4.43
N ALA B 101 20.32 -0.65 -3.42
CA ALA B 101 21.34 -1.64 -3.60
C ALA B 101 20.90 -2.69 -4.63
N PRO B 102 21.74 -2.92 -5.65
CA PRO B 102 21.40 -3.88 -6.73
C PRO B 102 21.29 -5.30 -6.23
N GLN B 103 22.09 -5.61 -5.21
CA GLN B 103 21.95 -6.83 -4.39
C GLN B 103 20.59 -7.05 -3.76
N LEU B 104 20.29 -8.30 -3.44
CA LEU B 104 19.16 -8.61 -2.56
C LEU B 104 19.58 -8.36 -1.13
N LEU B 105 18.82 -7.53 -0.40
CA LEU B 105 19.14 -7.21 0.99
C LEU B 105 18.18 -7.93 1.91
N VAL B 106 18.71 -8.96 2.58
CA VAL B 106 18.00 -9.73 3.61
C VAL B 106 18.36 -9.14 4.99
N ALA B 107 17.36 -8.78 5.79
CA ALA B 107 17.58 -8.29 7.14
C ALA B 107 17.10 -9.35 8.09
N LEU B 108 18.02 -9.82 8.93
CA LEU B 108 17.70 -10.77 10.00
C LEU B 108 17.57 -10.03 11.33
N VAL B 109 16.34 -9.90 11.83
CA VAL B 109 16.05 -8.93 12.89
C VAL B 109 15.56 -9.61 14.19
N GLU B 110 16.31 -9.35 15.26
CA GLU B 110 16.08 -9.96 16.57
C GLU B 110 16.21 -8.88 17.62
N GLY B 111 15.56 -9.08 18.78
CA GLY B 111 15.68 -8.13 19.86
C GLY B 111 15.21 -6.72 19.47
N ALA B 112 16.07 -5.74 19.68
CA ALA B 112 15.67 -4.35 19.48
C ALA B 112 15.83 -3.95 18.04
N VAL B 113 14.76 -3.36 17.52
CA VAL B 113 14.73 -2.79 16.18
C VAL B 113 14.01 -1.44 16.32
N LEU B 114 14.74 -0.41 16.75
CA LEU B 114 14.13 0.88 17.13
C LEU B 114 14.83 2.08 16.52
N GLY B 115 14.07 3.12 16.21
CA GLY B 115 14.65 4.30 15.59
C GLY B 115 15.32 3.93 14.28
N GLY B 116 16.58 4.25 14.13
CA GLY B 116 17.23 4.04 12.83
C GLY B 116 17.45 2.57 12.47
N GLY B 117 17.36 1.69 13.46
CA GLY B 117 17.40 0.26 13.18
C GLY B 117 16.13 -0.16 12.47
N PHE B 118 15.05 0.53 12.82
CA PHE B 118 13.73 0.31 12.25
C PHE B 118 13.75 0.82 10.79
N GLY B 119 14.38 1.98 10.57
CA GLY B 119 14.53 2.50 9.23
C GLY B 119 15.22 1.47 8.30
N LEU B 120 16.28 0.88 8.82
CA LEU B 120 17.16 -0.03 8.11
C LEU B 120 16.38 -1.25 7.70
N ALA B 121 15.50 -1.71 8.58
CA ALA B 121 14.57 -2.81 8.29
C ALA B 121 13.59 -2.44 7.18
N CYS B 122 13.26 -1.16 7.08
CA CYS B 122 12.29 -0.69 6.09
C CYS B 122 12.80 -0.72 4.64
N VAL B 123 14.11 -0.84 4.46
CA VAL B 123 14.76 -0.75 3.13
C VAL B 123 15.41 -2.10 2.75
N SER B 124 14.93 -3.21 3.34
CA SER B 124 15.37 -4.56 2.95
C SER B 124 14.45 -5.19 1.93
N ASP B 125 14.98 -6.11 1.09
CA ASP B 125 14.09 -6.86 0.20
C ASP B 125 13.45 -7.99 0.99
N VAL B 126 14.16 -8.49 2.01
CA VAL B 126 13.62 -9.58 2.83
C VAL B 126 13.98 -9.39 4.29
N ALA B 127 12.96 -9.39 5.16
CA ALA B 127 13.12 -9.14 6.58
C ALA B 127 12.63 -10.35 7.32
N ILE B 128 13.49 -10.94 8.14
CA ILE B 128 13.14 -12.13 8.92
C ILE B 128 13.27 -11.80 10.40
N ALA B 129 12.12 -11.84 11.08
CA ALA B 129 12.01 -11.34 12.46
C ALA B 129 11.84 -12.45 13.51
N ALA B 130 12.49 -12.24 14.64
CA ALA B 130 12.29 -13.07 15.82
C ALA B 130 11.02 -12.60 16.52
N ALA B 131 10.19 -13.57 16.88
CA ALA B 131 8.86 -13.34 17.43
C ALA B 131 8.88 -12.39 18.60
N ASP B 132 9.96 -12.46 19.37
CA ASP B 132 10.12 -11.59 20.55
C ASP B 132 11.03 -10.38 20.26
N ALA B 133 11.19 -10.00 19.00
CA ALA B 133 11.91 -8.75 18.67
C ALA B 133 11.00 -7.57 19.02
N GLN B 134 11.54 -6.40 19.37
CA GLN B 134 10.67 -5.27 19.67
C GLN B 134 10.93 -4.08 18.72
N PHE B 135 9.87 -3.63 18.05
CA PHE B 135 9.95 -2.62 17.00
C PHE B 135 9.35 -1.32 17.50
N GLY B 136 9.86 -0.21 16.98
CA GLY B 136 9.31 1.08 17.35
C GLY B 136 10.01 2.30 16.79
N LEU B 137 9.32 3.42 16.93
CA LEU B 137 9.77 4.73 16.54
C LEU B 137 9.65 5.73 17.70
N PRO B 138 10.58 5.67 18.65
CA PRO B 138 10.56 6.48 19.85
C PRO B 138 10.66 7.99 19.63
N GLU B 139 11.12 8.38 18.45
CA GLU B 139 11.58 9.73 18.20
C GLU B 139 10.77 10.89 18.83
N THR B 140 9.46 10.83 18.72
CA THR B 140 8.63 11.95 19.14
C THR B 140 8.39 12.01 20.67
N SER B 141 8.49 10.86 21.34
CA SER B 141 8.45 10.82 22.79
C SER B 141 9.75 11.42 23.34
N LEU B 142 10.75 11.50 22.47
CA LEU B 142 12.03 12.11 22.80
C LEU B 142 12.10 13.55 22.26
N GLY B 143 10.94 14.07 21.85
CA GLY B 143 10.86 15.42 21.29
C GLY B 143 11.32 15.60 19.84
N ILE B 144 11.75 14.52 19.18
CA ILE B 144 12.41 14.64 17.89
C ILE B 144 11.66 13.92 16.74
N LEU B 145 12.28 13.82 15.56
CA LEU B 145 11.59 13.39 14.34
C LEU B 145 12.16 12.13 13.72
N PRO B 146 11.30 11.18 13.33
CA PRO B 146 11.75 10.06 12.50
C PRO B 146 11.84 10.59 11.05
N ALA B 147 12.80 11.46 10.85
CA ALA B 147 12.73 12.42 9.76
C ALA B 147 13.11 11.77 8.45
N GLN B 148 14.20 11.01 8.48
CA GLN B 148 14.66 10.31 7.26
C GLN B 148 13.88 9.03 7.04
N ILE B 149 13.48 8.40 8.14
CA ILE B 149 12.70 7.18 8.08
C ILE B 149 11.37 7.43 7.44
N ALA B 150 10.76 8.58 7.75
CA ALA B 150 9.38 8.88 7.35
C ALA B 150 8.96 8.33 5.94
N PRO B 151 9.63 8.75 4.88
CA PRO B 151 9.13 8.26 3.59
C PRO B 151 9.32 6.77 3.38
N PHE B 152 10.36 6.19 4.00
CA PHE B 152 10.61 4.77 3.85
C PHE B 152 9.63 3.87 4.63
N VAL B 153 9.17 4.30 5.82
CA VAL B 153 8.12 3.54 6.51
C VAL B 153 6.79 3.66 5.76
N VAL B 154 6.52 4.82 5.15
CA VAL B 154 5.27 4.95 4.42
C VAL B 154 5.28 3.95 3.28
N ARG B 155 6.38 3.95 2.53
CA ARG B 155 6.56 3.03 1.42
C ARG B 155 6.58 1.55 1.93
N ARG B 156 7.08 1.31 3.14
CA ARG B 156 7.04 -0.06 3.73
C ARG B 156 5.64 -0.58 4.02
N ILE B 157 4.95 0.09 4.93
CA ILE B 157 3.72 -0.42 5.47
C ILE B 157 2.49 0.41 5.16
N GLY B 158 2.65 1.48 4.38
CA GLY B 158 1.51 2.30 4.02
C GLY B 158 1.22 3.38 5.06
N LEU B 159 0.73 4.54 4.61
CA LEU B 159 0.50 5.70 5.47
C LEU B 159 -0.35 5.37 6.69
N THR B 160 -1.34 4.52 6.51
CA THR B 160 -2.31 4.20 7.56
C THR B 160 -1.65 3.66 8.84
N GLN B 161 -0.73 2.70 8.72
CA GLN B 161 0.00 2.18 9.88
C GLN B 161 1.16 3.06 10.29
N ALA B 162 1.87 3.62 9.32
CA ALA B 162 2.95 4.53 9.64
C ALA B 162 2.45 5.69 10.53
N ARG B 163 1.31 6.31 10.20
CA ARG B 163 0.87 7.50 10.99
C ARG B 163 0.71 7.17 12.46
N ARG B 164 -0.03 6.13 12.77
CA ARG B 164 -0.23 5.70 14.13
C ARG B 164 1.08 5.45 14.83
N LEU B 165 1.94 4.65 14.21
CA LEU B 165 3.17 4.21 14.86
C LEU B 165 4.09 5.39 15.18
N ALA B 166 4.09 6.37 14.30
CA ALA B 166 4.96 7.54 14.46
C ALA B 166 4.40 8.56 15.49
N LEU B 167 3.09 8.72 15.51
CA LEU B 167 2.52 9.77 16.35
C LEU B 167 2.14 9.28 17.76
N THR B 168 2.14 7.96 17.98
CA THR B 168 1.90 7.37 19.29
C THR B 168 3.12 6.57 19.80
N ALA B 169 4.22 6.58 19.06
CA ALA B 169 5.40 5.84 19.48
C ALA B 169 5.09 4.40 19.91
N ALA B 170 4.03 3.82 19.38
CA ALA B 170 3.59 2.47 19.77
C ALA B 170 4.68 1.50 19.54
N ARG B 171 4.70 0.45 20.35
CA ARG B 171 5.71 -0.58 20.26
C ARG B 171 5.04 -1.91 20.06
N PHE B 172 5.76 -2.84 19.43
CA PHE B 172 5.17 -4.12 19.03
C PHE B 172 6.23 -5.21 18.73
N ASP B 173 5.77 -6.46 18.73
CA ASP B 173 6.64 -7.59 18.53
C ASP B 173 6.71 -8.02 17.06
N GLY B 174 7.51 -9.05 16.78
CA GLY B 174 7.71 -9.54 15.43
C GLY B 174 6.49 -10.16 14.80
N ARG B 175 5.59 -10.68 15.62
CA ARG B 175 4.38 -11.32 15.16
C ARG B 175 3.47 -10.23 14.62
N GLU B 176 3.61 -9.06 15.22
CA GLU B 176 2.82 -7.90 14.86
C GLU B 176 3.44 -7.17 13.68
N ALA B 177 4.77 -7.20 13.62
CA ALA B 177 5.48 -6.55 12.53
C ALA B 177 5.23 -7.37 11.25
N LEU B 178 4.99 -8.66 11.40
CA LEU B 178 4.60 -9.51 10.31
C LEU B 178 3.19 -9.17 9.84
N ARG B 179 2.25 -9.15 10.78
CA ARG B 179 0.85 -8.83 10.47
C ARG B 179 0.73 -7.46 9.79
N LEU B 180 1.61 -6.53 10.16
CA LEU B 180 1.56 -5.16 9.63
C LEU B 180 2.31 -5.06 8.30
N GLY B 181 2.82 -6.17 7.77
CA GLY B 181 3.54 -6.12 6.50
C GLY B 181 4.89 -5.42 6.53
N LEU B 182 5.42 -5.22 7.74
CA LEU B 182 6.71 -4.59 7.96
C LEU B 182 7.83 -5.59 7.68
N VAL B 183 7.61 -6.87 8.02
CA VAL B 183 8.61 -7.91 7.74
C VAL B 183 7.91 -9.01 7.00
N HIS B 184 8.69 -9.88 6.34
CA HIS B 184 8.13 -10.93 5.52
C HIS B 184 7.97 -12.23 6.32
N PHE B 185 8.92 -12.49 7.21
CA PHE B 185 8.82 -13.70 8.04
C PHE B 185 8.94 -13.45 9.55
N CYS B 186 8.34 -14.34 10.34
CA CYS B 186 8.52 -14.33 11.79
C CYS B 186 8.76 -15.76 12.31
N GLU B 187 9.86 -15.96 13.03
CA GLU B 187 10.24 -17.28 13.50
C GLU B 187 10.37 -17.36 15.02
N ALA B 188 10.06 -18.52 15.58
CA ALA B 188 10.03 -18.71 17.03
C ALA B 188 11.39 -18.52 17.73
N ASP B 189 12.43 -19.21 17.25
CA ASP B 189 13.77 -19.13 17.82
C ASP B 189 14.82 -19.16 16.72
N ALA B 190 16.09 -19.18 17.16
CA ALA B 190 17.26 -18.99 16.30
C ALA B 190 17.38 -20.02 15.19
N ASP B 191 17.27 -21.30 15.55
CA ASP B 191 17.21 -22.38 14.58
C ASP B 191 16.29 -22.02 13.39
N ALA B 192 15.09 -21.54 13.68
CA ALA B 192 14.10 -21.24 12.65
C ALA B 192 14.41 -19.94 11.89
N LEU B 193 15.05 -18.97 12.54
CA LEU B 193 15.56 -17.80 11.81
C LEU B 193 16.46 -18.28 10.69
N GLU B 194 17.56 -18.92 11.07
CA GLU B 194 18.55 -19.42 10.12
C GLU B 194 17.91 -20.29 9.05
N GLN B 195 17.08 -21.27 9.41
CA GLN B 195 16.51 -22.08 8.36
C GLN B 195 15.82 -21.13 7.39
N ARG B 196 15.20 -20.07 7.92
CA ARG B 196 14.39 -19.24 7.06
C ARG B 196 15.32 -18.50 6.17
N LEU B 197 16.39 -18.03 6.78
CA LEU B 197 17.46 -17.38 6.07
C LEU B 197 18.12 -18.25 5.02
N GLU B 198 18.37 -19.52 5.30
CA GLU B 198 19.04 -20.34 4.30
C GLU B 198 18.11 -20.66 3.10
N GLU B 199 16.82 -20.81 3.38
CA GLU B 199 15.86 -21.02 2.32
C GLU B 199 15.81 -19.79 1.42
N THR B 200 15.85 -18.62 2.03
CA THR B 200 15.77 -17.38 1.28
C THR B 200 16.99 -17.28 0.35
N LEU B 201 18.13 -17.76 0.83
CA LEU B 201 19.36 -17.66 0.05
C LEU B 201 19.40 -18.68 -1.09
N GLU B 202 18.69 -19.79 -0.93
CA GLU B 202 18.54 -20.78 -2.01
C GLU B 202 17.61 -20.36 -3.16
N GLN B 203 16.51 -19.69 -2.81
CA GLN B 203 15.66 -19.00 -3.79
C GLN B 203 16.49 -18.00 -4.58
N LEU B 204 17.11 -17.07 -3.88
CA LEU B 204 18.00 -16.08 -4.47
C LEU B 204 19.04 -16.70 -5.44
N ARG B 205 19.55 -17.86 -5.10
CA ARG B 205 20.57 -18.51 -5.93
C ARG B 205 20.00 -18.92 -7.28
N ARG B 206 18.70 -19.18 -7.35
CA ARG B 206 18.04 -19.46 -8.61
C ARG B 206 17.98 -18.27 -9.58
N CYS B 207 18.17 -17.03 -9.09
CA CYS B 207 17.90 -15.77 -9.82
C CYS B 207 19.16 -15.01 -10.25
N ALA B 208 19.16 -14.55 -11.49
CA ALA B 208 20.36 -13.92 -12.06
C ALA B 208 20.67 -12.52 -11.52
N PRO B 209 21.95 -12.21 -11.35
CA PRO B 209 22.22 -10.98 -10.62
C PRO B 209 22.02 -9.71 -11.41
N ASN B 210 22.37 -9.66 -12.69
CA ASN B 210 22.04 -8.49 -13.51
C ASN B 210 20.53 -8.38 -13.67
N ALA B 211 19.86 -9.51 -13.85
CA ALA B 211 18.43 -9.54 -13.95
C ALA B 211 17.79 -8.98 -12.68
N ASN B 212 18.35 -9.32 -11.51
CA ASN B 212 17.80 -8.86 -10.24
C ASN B 212 17.97 -7.35 -10.07
N ALA B 213 19.16 -6.85 -10.37
CA ALA B 213 19.46 -5.42 -10.30
C ALA B 213 18.52 -4.53 -11.11
N ALA B 214 18.21 -4.95 -12.32
CA ALA B 214 17.39 -4.13 -13.20
C ALA B 214 15.90 -4.23 -12.86
N THR B 215 15.49 -5.39 -12.38
CA THR B 215 14.13 -5.59 -11.95
C THR B 215 13.86 -4.70 -10.75
N LYS B 216 14.84 -4.68 -9.86
CA LYS B 216 14.77 -3.91 -8.65
C LYS B 216 14.60 -2.44 -8.97
N ALA B 217 15.51 -1.92 -9.80
CA ALA B 217 15.43 -0.52 -10.19
C ALA B 217 14.05 -0.19 -10.77
N LEU B 218 13.49 -1.10 -11.58
CA LEU B 218 12.13 -0.87 -12.11
C LEU B 218 11.05 -0.78 -11.04
N LEU B 219 11.05 -1.71 -10.08
CA LEU B 219 10.08 -1.69 -8.99
C LEU B 219 10.18 -0.37 -8.22
N LEU B 220 11.41 -0.02 -7.83
CA LEU B 220 11.66 1.25 -7.14
C LEU B 220 11.13 2.48 -7.90
N ALA B 221 11.29 2.47 -9.21
CA ALA B 221 10.89 3.59 -10.07
C ALA B 221 9.41 3.60 -10.34
N SER B 222 8.73 2.52 -9.99
CA SER B 222 7.36 2.37 -10.48
C SER B 222 6.31 3.30 -9.83
N GLU B 223 6.74 4.18 -8.93
CA GLU B 223 5.88 5.21 -8.28
C GLU B 223 5.92 6.63 -8.84
N SER B 224 7.01 7.00 -9.52
CA SER B 224 7.51 8.38 -9.58
C SER B 224 6.68 9.49 -10.24
N GLY B 225 6.22 9.33 -11.48
CA GLY B 225 6.39 8.14 -12.27
C GLY B 225 5.12 7.96 -13.08
N GLU B 226 5.05 8.58 -14.24
CA GLU B 226 3.97 8.32 -15.19
C GLU B 226 4.09 6.88 -15.80
N LEU B 227 2.96 6.19 -15.93
CA LEU B 227 2.93 4.78 -16.13
C LEU B 227 3.40 4.37 -17.55
N GLY B 228 2.80 4.98 -18.57
CA GLY B 228 3.15 4.81 -19.97
C GLY B 228 4.62 4.90 -20.28
N ALA B 229 5.31 5.89 -19.72
CA ALA B 229 6.72 6.15 -19.96
C ALA B 229 7.59 5.11 -19.27
N LEU B 230 7.22 4.78 -18.05
CA LEU B 230 7.84 3.68 -17.35
C LEU B 230 7.75 2.36 -18.16
N LEU B 231 6.60 2.09 -18.77
CA LEU B 231 6.46 0.88 -19.60
C LEU B 231 7.33 0.91 -20.89
N ASP B 232 7.37 2.07 -21.56
CA ASP B 232 8.20 2.26 -22.74
C ASP B 232 9.63 1.88 -22.40
N ASP B 233 10.11 2.38 -21.28
CA ASP B 233 11.48 2.16 -20.87
C ASP B 233 11.70 0.72 -20.35
N ALA B 234 10.71 0.18 -19.65
CA ALA B 234 10.80 -1.18 -19.15
C ALA B 234 10.95 -2.19 -20.32
N ALA B 235 10.16 -2.02 -21.36
CA ALA B 235 10.20 -2.82 -22.54
C ALA B 235 11.58 -2.78 -23.22
N ARG B 236 12.25 -1.63 -23.19
CA ARG B 236 13.62 -1.56 -23.69
C ARG B 236 14.61 -2.40 -22.84
N GLN B 237 14.54 -2.20 -21.54
CA GLN B 237 15.29 -2.98 -20.59
C GLN B 237 15.02 -4.48 -20.68
N PHE B 238 13.79 -4.87 -20.93
CA PHE B 238 13.47 -6.27 -21.12
C PHE B 238 14.25 -6.82 -22.35
N ALA B 239 14.18 -6.11 -23.47
CA ALA B 239 14.90 -6.57 -24.69
C ALA B 239 16.40 -6.77 -24.42
N GLU B 240 16.99 -5.78 -23.77
CA GLU B 240 18.38 -5.79 -23.39
C GLU B 240 18.73 -7.02 -22.55
N ALA B 241 17.85 -7.35 -21.62
CA ALA B 241 18.10 -8.47 -20.74
C ALA B 241 18.03 -9.80 -21.51
N VAL B 242 17.09 -9.88 -22.45
CA VAL B 242 16.85 -11.08 -23.26
C VAL B 242 18.05 -11.36 -24.13
N GLY B 243 18.68 -10.29 -24.59
CA GLY B 243 19.77 -10.39 -25.50
C GLY B 243 21.13 -10.46 -24.87
N GLY B 244 21.21 -10.24 -23.56
CA GLY B 244 22.49 -10.28 -22.87
C GLY B 244 22.91 -11.69 -22.49
N ALA B 245 24.07 -11.77 -21.85
CA ALA B 245 24.66 -13.05 -21.49
C ALA B 245 23.80 -13.80 -20.47
N GLU B 246 23.21 -13.08 -19.52
CA GLU B 246 22.38 -13.77 -18.54
C GLU B 246 21.09 -14.33 -19.15
N GLY B 247 20.41 -13.53 -19.95
CA GLY B 247 19.13 -13.92 -20.49
C GLY B 247 19.20 -15.09 -21.46
N SER B 248 20.25 -15.11 -22.28
CA SER B 248 20.41 -16.17 -23.28
C SER B 248 20.73 -17.49 -22.56
N GLU B 249 21.67 -17.47 -21.62
CA GLU B 249 21.87 -18.61 -20.72
C GLU B 249 20.60 -19.07 -19.97
N GLY B 250 19.82 -18.15 -19.44
CA GLY B 250 18.70 -18.53 -18.59
C GLY B 250 17.54 -19.16 -19.34
N THR B 251 17.28 -18.64 -20.53
CA THR B 251 16.21 -19.14 -21.38
C THR B 251 16.68 -20.41 -22.12
N LEU B 252 17.97 -20.49 -22.37
CA LEU B 252 18.55 -21.70 -22.90
C LEU B 252 18.44 -22.85 -21.88
N ALA B 253 18.82 -22.57 -20.63
CA ALA B 253 18.76 -23.52 -19.53
C ALA B 253 17.35 -24.09 -19.34
N PHE B 254 16.36 -23.23 -19.43
CA PHE B 254 14.97 -23.57 -19.28
C PHE B 254 14.55 -24.62 -20.29
N VAL B 255 14.84 -24.30 -21.55
CA VAL B 255 14.55 -25.16 -22.71
C VAL B 255 15.32 -26.49 -22.69
N GLN B 256 16.52 -26.49 -22.11
CA GLN B 256 17.35 -27.68 -22.00
C GLN B 256 17.08 -28.43 -20.65
N LYS B 257 16.08 -27.96 -19.90
CA LYS B 257 15.71 -28.52 -18.61
C LYS B 257 16.88 -28.71 -17.67
N ARG B 258 17.68 -27.68 -17.51
CA ARG B 258 18.81 -27.70 -16.58
C ARG B 258 18.78 -26.44 -15.75
N LYS B 259 19.65 -26.41 -14.76
CA LYS B 259 19.88 -25.18 -14.02
C LYS B 259 20.76 -24.25 -14.84
N PRO B 260 20.49 -22.94 -14.76
CA PRO B 260 21.43 -22.00 -15.34
C PRO B 260 22.71 -21.94 -14.52
N VAL B 261 23.79 -21.49 -15.15
CA VAL B 261 25.09 -21.34 -14.54
C VAL B 261 25.11 -20.77 -13.14
N TRP B 262 24.39 -19.64 -12.89
CA TRP B 262 24.41 -18.94 -11.58
C TRP B 262 23.76 -19.75 -10.48
N ALA B 263 22.93 -20.72 -10.86
CA ALA B 263 22.23 -21.55 -9.90
C ALA B 263 22.87 -22.92 -9.70
N GLN B 264 24.02 -23.16 -10.34
CA GLN B 264 24.78 -24.40 -10.12
C GLN B 264 25.75 -24.25 -8.95
N GLU C 7 -26.46 23.88 15.79
CA GLU C 7 -25.19 23.17 15.85
C GLU C 7 -25.38 21.64 15.91
N THR C 8 -24.55 20.97 15.12
CA THR C 8 -24.70 19.56 14.85
C THR C 8 -23.67 18.75 15.62
N LEU C 9 -22.82 19.47 16.38
CA LEU C 9 -21.65 18.93 17.08
C LEU C 9 -21.66 19.27 18.57
N LEU C 10 -21.37 18.29 19.43
CA LEU C 10 -21.01 18.52 20.82
C LEU C 10 -19.51 18.48 21.01
N LEU C 11 -18.98 19.53 21.64
CA LEU C 11 -17.55 19.64 21.84
C LEU C 11 -17.22 19.59 23.32
N GLU C 12 -16.32 18.69 23.69
CA GLU C 12 -15.93 18.56 25.07
C GLU C 12 -14.40 18.49 25.18
N PRO C 13 -13.75 19.65 25.41
CA PRO C 13 -12.30 19.65 25.63
C PRO C 13 -11.94 19.13 27.01
N ILE C 14 -10.74 18.62 27.16
CA ILE C 14 -10.22 18.10 28.43
C ILE C 14 -8.70 18.09 28.30
N GLU C 15 -8.04 18.96 29.04
CA GLU C 15 -6.59 18.99 29.06
C GLU C 15 -6.07 19.17 27.62
N GLY C 16 -5.53 18.13 27.01
CA GLY C 16 -5.01 18.25 25.66
C GLY C 16 -5.94 17.71 24.57
N VAL C 17 -6.93 16.92 24.97
CA VAL C 17 -7.83 16.23 24.03
C VAL C 17 -9.12 16.99 23.86
N LEU C 18 -9.66 16.95 22.65
CA LEU C 18 -10.92 17.61 22.30
C LEU C 18 -11.88 16.64 21.63
N ARG C 19 -12.95 16.26 22.34
CA ARG C 19 -13.92 15.32 21.78
C ARG C 19 -14.94 16.05 20.97
N ILE C 20 -15.34 15.43 19.86
CA ILE C 20 -16.25 16.02 18.90
C ILE C 20 -17.23 14.92 18.58
N THR C 21 -18.48 15.12 18.97
CA THR C 21 -19.48 14.11 18.70
C THR C 21 -20.45 14.59 17.63
N LEU C 22 -20.49 13.85 16.53
CA LEU C 22 -21.49 14.10 15.52
C LEU C 22 -22.88 13.87 16.13
N ASN C 23 -23.69 14.93 16.15
CA ASN C 23 -24.99 14.85 16.83
C ASN C 23 -26.19 15.24 16.01
N ARG C 24 -26.52 14.38 15.06
CA ARG C 24 -27.85 14.36 14.49
C ARG C 24 -28.37 12.92 14.56
N PRO C 25 -28.52 12.36 15.79
CA PRO C 25 -28.80 10.93 15.95
C PRO C 25 -29.99 10.42 15.14
N GLN C 26 -30.91 11.34 14.84
CA GLN C 26 -32.14 11.00 14.16
C GLN C 26 -31.95 10.64 12.66
N SER C 27 -30.97 11.22 11.98
CA SER C 27 -30.61 10.78 10.61
C SER C 27 -29.36 9.88 10.61
N ARG C 28 -29.09 9.24 11.76
CA ARG C 28 -27.94 8.34 11.91
C ARG C 28 -26.67 9.19 11.84
N ASN C 29 -26.78 10.40 12.38
CA ASN C 29 -25.79 11.48 12.21
C ASN C 29 -25.36 11.68 10.76
N ALA C 30 -26.32 11.73 9.83
CA ALA C 30 -25.95 11.96 8.44
C ALA C 30 -25.35 13.35 8.25
N MET C 31 -24.29 13.42 7.42
CA MET C 31 -23.58 14.67 7.19
C MET C 31 -24.46 15.66 6.48
N SER C 32 -24.94 16.67 7.20
CA SER C 32 -25.71 17.73 6.56
C SER C 32 -24.75 18.77 6.04
N LEU C 33 -25.22 19.69 5.21
CA LEU C 33 -24.40 20.81 4.78
C LEU C 33 -23.81 21.55 5.98
N ALA C 34 -24.64 21.76 7.00
CA ALA C 34 -24.24 22.50 8.21
C ALA C 34 -23.11 21.83 9.01
N MET C 35 -23.23 20.51 9.21
CA MET C 35 -22.19 19.76 9.90
C MET C 35 -20.82 19.95 9.23
N VAL C 36 -20.78 19.97 7.92
CA VAL C 36 -19.50 20.05 7.22
C VAL C 36 -18.84 21.37 7.54
N GLY C 37 -19.58 22.47 7.41
CA GLY C 37 -19.08 23.79 7.72
C GLY C 37 -18.61 23.87 9.16
N GLU C 38 -19.36 23.24 10.05
CA GLU C 38 -18.98 23.24 11.47
C GLU C 38 -17.73 22.42 11.79
N LEU C 39 -17.65 21.20 11.27
CA LEU C 39 -16.41 20.44 11.45
C LEU C 39 -15.22 21.19 10.86
N ARG C 40 -15.41 21.85 9.72
CA ARG C 40 -14.31 22.63 9.13
C ARG C 40 -13.85 23.81 10.05
N ALA C 41 -14.81 24.54 10.62
CA ALA C 41 -14.49 25.67 11.50
C ALA C 41 -13.68 25.25 12.74
N VAL C 42 -14.10 24.14 13.35
CA VAL C 42 -13.43 23.56 14.50
C VAL C 42 -11.97 23.31 14.19
N LEU C 43 -11.75 22.37 13.26
CA LEU C 43 -10.43 22.08 12.74
C LEU C 43 -9.63 23.37 12.54
N ALA C 44 -10.22 24.34 11.87
CA ALA C 44 -9.50 25.59 11.62
C ALA C 44 -9.14 26.35 12.93
N ALA C 45 -10.04 26.35 13.92
CA ALA C 45 -9.76 27.09 15.15
C ALA C 45 -8.62 26.44 15.91
N VAL C 46 -8.55 25.12 15.90
CA VAL C 46 -7.52 24.41 16.69
C VAL C 46 -6.26 24.09 15.90
N ARG C 47 -6.24 24.43 14.61
CA ARG C 47 -5.15 24.03 13.70
C ARG C 47 -3.75 24.38 14.20
N ASP C 48 -3.54 25.66 14.47
CA ASP C 48 -2.25 26.20 14.92
C ASP C 48 -2.03 26.14 16.42
N ASP C 49 -3.02 25.61 17.14
CA ASP C 49 -3.04 25.60 18.63
C ASP C 49 -2.42 24.32 19.18
N ARG C 50 -1.20 24.40 19.65
CA ARG C 50 -0.48 23.19 20.04
C ARG C 50 -0.83 22.66 21.43
N SER C 51 -1.78 23.32 22.11
CA SER C 51 -2.30 22.81 23.36
C SER C 51 -3.38 21.78 23.10
N VAL C 52 -4.02 21.87 21.95
CA VAL C 52 -4.89 20.78 21.48
C VAL C 52 -3.98 19.74 20.82
N ARG C 53 -3.77 18.65 21.53
CA ARG C 53 -2.82 17.62 21.16
C ARG C 53 -3.48 16.46 20.38
N ALA C 54 -4.77 16.26 20.64
CA ALA C 54 -5.56 15.25 19.94
C ALA C 54 -7.02 15.67 19.78
N LEU C 55 -7.63 15.15 18.74
CA LEU C 55 -9.06 15.22 18.50
C LEU C 55 -9.63 13.81 18.55
N VAL C 56 -10.85 13.68 19.07
CA VAL C 56 -11.56 12.40 19.06
C VAL C 56 -12.93 12.58 18.41
N LEU C 57 -13.17 11.84 17.34
CA LEU C 57 -14.46 11.87 16.67
C LEU C 57 -15.29 10.67 17.04
N ARG C 58 -16.57 10.94 17.26
CA ARG C 58 -17.53 9.92 17.64
C ARG C 58 -18.89 10.34 17.13
N GLY C 59 -19.77 9.37 16.95
CA GLY C 59 -21.15 9.63 16.59
C GLY C 59 -22.11 9.30 17.73
N ALA C 60 -23.24 10.00 17.75
CA ALA C 60 -24.22 9.84 18.82
C ALA C 60 -25.21 8.68 18.60
N ASP C 61 -25.61 8.01 19.69
CA ASP C 61 -26.59 6.91 19.67
C ASP C 61 -26.17 5.70 18.85
N GLY C 62 -24.95 5.24 19.09
CA GLY C 62 -24.45 4.01 18.50
C GLY C 62 -24.24 4.02 16.99
N HIS C 63 -24.23 5.20 16.39
CA HIS C 63 -24.01 5.36 14.95
C HIS C 63 -22.99 6.43 14.64
N PHE C 64 -22.02 6.12 13.77
CA PHE C 64 -20.95 7.05 13.43
C PHE C 64 -21.40 8.07 12.37
N CYS C 65 -21.81 7.58 11.20
CA CYS C 65 -22.27 8.44 10.10
C CYS C 65 -22.77 7.64 8.90
N ALA C 66 -24.07 7.67 8.65
CA ALA C 66 -24.67 6.87 7.59
C ALA C 66 -24.46 7.41 6.17
N GLY C 67 -23.85 8.57 6.01
CA GLY C 67 -23.58 9.11 4.68
C GLY C 67 -24.01 10.56 4.52
N GLY C 68 -24.39 10.93 3.30
CA GLY C 68 -24.84 12.28 3.02
C GLY C 68 -26.35 12.43 3.22
N ASP C 69 -26.73 13.43 4.04
CA ASP C 69 -28.14 13.72 4.37
C ASP C 69 -28.95 13.80 3.08
N ILE C 70 -30.09 13.12 3.05
CA ILE C 70 -30.84 12.92 1.81
C ILE C 70 -31.87 14.02 1.60
N LYS C 71 -32.30 14.65 2.68
CA LYS C 71 -33.16 15.82 2.58
C LYS C 71 -32.37 16.97 1.93
N ASP C 72 -31.18 17.20 2.45
CA ASP C 72 -30.26 18.19 1.89
C ASP C 72 -29.81 17.85 0.47
N MET C 73 -29.57 16.56 0.17
CA MET C 73 -29.17 16.15 -1.19
C MET C 73 -30.33 16.23 -2.21
N ALA C 74 -31.53 15.80 -1.81
CA ALA C 74 -32.71 15.92 -2.67
C ALA C 74 -33.12 17.37 -2.96
N GLY C 75 -33.03 18.23 -1.95
CA GLY C 75 -33.35 19.65 -2.10
C GLY C 75 -32.34 20.44 -2.92
N ALA C 76 -31.11 19.90 -3.04
CA ALA C 76 -30.04 20.57 -3.78
C ALA C 76 -30.27 20.55 -5.30
N ARG C 77 -31.27 19.76 -5.72
CA ARG C 77 -31.66 19.66 -7.13
C ARG C 77 -32.39 20.88 -7.66
N ALA C 78 -32.97 21.67 -6.79
CA ALA C 78 -33.50 22.95 -7.20
C ALA C 78 -32.36 23.80 -7.75
N ALA C 79 -31.17 23.56 -7.20
CA ALA C 79 -30.03 24.45 -7.40
C ALA C 79 -29.14 24.10 -8.62
N GLY C 80 -29.16 22.85 -9.05
CA GLY C 80 -28.47 22.48 -10.27
C GLY C 80 -27.08 21.88 -10.10
N ALA C 81 -26.34 21.80 -11.19
CA ALA C 81 -25.06 21.10 -11.18
C ALA C 81 -24.04 21.79 -10.27
N GLU C 82 -23.96 23.11 -10.38
CA GLU C 82 -22.91 23.86 -9.69
C GLU C 82 -23.06 23.76 -8.19
N ALA C 83 -24.29 23.70 -7.72
CA ALA C 83 -24.55 23.52 -6.30
C ALA C 83 -23.98 22.19 -5.81
N TYR C 84 -24.30 21.10 -6.50
CA TYR C 84 -23.68 19.80 -6.19
C TYR C 84 -22.16 19.80 -6.28
N ARG C 85 -21.62 20.47 -7.29
CA ARG C 85 -20.18 20.54 -7.46
C ARG C 85 -19.53 21.23 -6.26
N THR C 86 -20.07 22.41 -5.93
CA THR C 86 -19.56 23.23 -4.86
C THR C 86 -19.66 22.56 -3.50
N LEU C 87 -20.79 21.92 -3.24
CA LEU C 87 -21.01 21.26 -1.95
C LEU C 87 -20.21 19.96 -1.88
N ASN C 88 -20.14 19.22 -2.97
CA ASN C 88 -19.24 18.08 -2.98
C ASN C 88 -17.80 18.49 -2.75
N ARG C 89 -17.31 19.52 -3.45
CA ARG C 89 -15.92 19.93 -3.28
C ARG C 89 -15.67 20.37 -1.83
N ALA C 90 -16.67 21.02 -1.22
CA ALA C 90 -16.62 21.36 0.21
C ALA C 90 -16.40 20.17 1.14
N PHE C 91 -17.06 19.04 0.85
CA PHE C 91 -16.87 17.86 1.68
C PHE C 91 -15.44 17.30 1.51
N GLY C 92 -14.89 17.40 0.31
CA GLY C 92 -13.51 17.06 0.05
C GLY C 92 -12.50 17.88 0.83
N SER C 93 -12.71 19.19 0.81
CA SER C 93 -11.90 20.12 1.62
C SER C 93 -11.94 19.74 3.09
N LEU C 94 -13.10 19.35 3.58
CA LEU C 94 -13.19 18.79 4.93
C LEU C 94 -12.23 17.62 5.06
N LEU C 95 -12.33 16.65 4.16
CA LEU C 95 -11.44 15.49 4.25
C LEU C 95 -9.99 15.90 4.21
N GLU C 96 -9.64 16.82 3.28
CA GLU C 96 -8.30 17.43 3.26
C GLU C 96 -7.87 18.02 4.57
N GLU C 97 -8.68 18.95 5.10
CA GLU C 97 -8.36 19.62 6.38
C GLU C 97 -8.29 18.70 7.62
N ALA C 98 -9.15 17.71 7.70
CA ALA C 98 -9.03 16.69 8.75
C ALA C 98 -7.77 15.85 8.54
N GLN C 99 -7.55 15.35 7.32
CA GLN C 99 -6.36 14.52 7.03
C GLN C 99 -5.13 15.27 7.50
N ALA C 100 -5.11 16.57 7.27
CA ALA C 100 -3.91 17.37 7.50
C ALA C 100 -3.89 18.02 8.89
N ALA C 101 -4.83 17.64 9.71
CA ALA C 101 -4.89 18.20 11.08
C ALA C 101 -3.56 17.97 11.80
N PRO C 102 -2.93 19.03 12.32
CA PRO C 102 -1.68 18.78 13.04
C PRO C 102 -1.90 17.98 14.35
N GLN C 103 -3.16 17.79 14.74
CA GLN C 103 -3.47 17.00 15.90
C GLN C 103 -3.45 15.55 15.52
N LEU C 104 -3.30 14.71 16.54
CA LEU C 104 -3.50 13.30 16.36
C LEU C 104 -5.00 13.14 16.32
N LEU C 105 -5.49 12.76 15.15
CA LEU C 105 -6.93 12.55 14.94
C LEU C 105 -7.33 11.07 15.14
N VAL C 106 -8.15 10.84 16.18
CA VAL C 106 -8.66 9.51 16.52
C VAL C 106 -10.14 9.44 16.16
N ALA C 107 -10.56 8.34 15.57
CA ALA C 107 -11.95 8.10 15.27
C ALA C 107 -12.45 6.85 16.00
N LEU C 108 -13.57 7.01 16.71
CA LEU C 108 -14.31 5.87 17.26
C LEU C 108 -15.53 5.70 16.42
N VAL C 109 -15.76 4.46 16.01
CA VAL C 109 -16.66 4.21 14.91
C VAL C 109 -17.66 3.12 15.28
N GLU C 110 -18.94 3.45 15.19
CA GLU C 110 -20.01 2.53 15.58
C GLU C 110 -21.15 2.68 14.61
N GLY C 111 -21.98 1.65 14.53
CA GLY C 111 -23.08 1.61 13.59
C GLY C 111 -22.70 1.96 12.14
N ALA C 112 -23.53 2.79 11.52
CA ALA C 112 -23.42 3.08 10.12
C ALA C 112 -22.13 3.84 9.90
N VAL C 113 -21.40 3.41 8.86
CA VAL C 113 -20.19 4.08 8.41
C VAL C 113 -20.20 3.98 6.90
N LEU C 114 -21.04 4.79 6.27
CA LEU C 114 -21.37 4.62 4.86
C LEU C 114 -21.16 5.88 4.04
N GLY C 115 -20.57 5.69 2.85
CA GLY C 115 -20.33 6.79 1.94
C GLY C 115 -19.50 7.87 2.62
N GLY C 116 -20.11 9.01 2.89
CA GLY C 116 -19.40 10.11 3.55
C GLY C 116 -18.70 9.68 4.81
N GLY C 117 -19.40 8.98 5.71
CA GLY C 117 -18.83 8.56 6.98
C GLY C 117 -17.60 7.67 6.80
N PHE C 118 -17.69 6.81 5.81
CA PHE C 118 -16.60 5.94 5.42
C PHE C 118 -15.37 6.83 5.16
N GLY C 119 -15.60 7.98 4.53
CA GLY C 119 -14.56 8.96 4.22
C GLY C 119 -13.83 9.64 5.38
N LEU C 120 -14.54 9.99 6.46
CA LEU C 120 -13.87 10.60 7.62
C LEU C 120 -13.01 9.59 8.34
N ALA C 121 -13.44 8.34 8.34
CA ALA C 121 -12.66 7.28 8.96
C ALA C 121 -11.32 7.09 8.27
N CYS C 122 -11.32 7.29 6.95
CA CYS C 122 -10.13 7.12 6.08
C CYS C 122 -9.09 8.17 6.23
N VAL C 123 -9.42 9.22 7.01
CA VAL C 123 -8.47 10.29 7.24
C VAL C 123 -8.08 10.45 8.71
N SER C 124 -8.50 9.51 9.57
CA SER C 124 -8.03 9.45 10.96
C SER C 124 -6.63 8.86 11.08
N ASP C 125 -5.90 9.30 12.10
CA ASP C 125 -4.61 8.70 12.45
C ASP C 125 -4.79 7.34 13.14
N VAL C 126 -5.87 7.22 13.91
CA VAL C 126 -6.22 5.95 14.57
C VAL C 126 -7.74 5.77 14.51
N ALA C 127 -8.19 4.76 13.79
CA ALA C 127 -9.59 4.37 13.84
C ALA C 127 -9.80 3.10 14.68
N ILE C 128 -10.79 3.18 15.58
CA ILE C 128 -11.15 2.09 16.49
C ILE C 128 -12.61 1.74 16.22
N ALA C 129 -12.88 0.53 15.74
CA ALA C 129 -14.22 0.15 15.28
C ALA C 129 -14.98 -0.86 16.18
N ALA C 130 -16.30 -0.77 16.16
CA ALA C 130 -17.13 -1.75 16.87
C ALA C 130 -17.28 -2.93 15.94
N ALA C 131 -17.12 -4.14 16.47
CA ALA C 131 -17.19 -5.34 15.65
C ALA C 131 -18.47 -5.30 14.84
N ASP C 132 -19.48 -4.68 15.43
CA ASP C 132 -20.82 -4.63 14.86
C ASP C 132 -21.01 -3.46 13.89
N ALA C 133 -20.01 -2.62 13.72
CA ALA C 133 -20.13 -1.52 12.75
C ALA C 133 -20.30 -2.12 11.35
N GLN C 134 -21.11 -1.49 10.50
CA GLN C 134 -21.18 -1.91 9.10
C GLN C 134 -20.72 -0.74 8.19
N PHE C 135 -19.66 -1.03 7.41
CA PHE C 135 -19.05 -0.09 6.45
C PHE C 135 -19.54 -0.35 5.02
N GLY C 136 -19.38 0.63 4.14
CA GLY C 136 -19.68 0.42 2.73
C GLY C 136 -19.65 1.67 1.88
N LEU C 137 -19.51 1.46 0.56
CA LEU C 137 -19.58 2.53 -0.43
C LEU C 137 -20.72 2.26 -1.42
N PRO C 138 -21.93 2.65 -1.05
CA PRO C 138 -23.17 2.35 -1.80
C PRO C 138 -23.41 3.26 -2.98
N GLU C 139 -22.46 4.15 -3.24
CA GLU C 139 -22.58 5.19 -4.26
C GLU C 139 -22.96 4.72 -5.69
N THR C 140 -22.27 3.74 -6.26
CA THR C 140 -22.57 3.30 -7.63
C THR C 140 -23.84 2.43 -7.70
N SER C 141 -24.23 1.88 -6.55
CA SER C 141 -25.51 1.20 -6.42
C SER C 141 -26.63 2.23 -6.44
N LEU C 142 -26.30 3.49 -6.19
CA LEU C 142 -27.26 4.59 -6.29
C LEU C 142 -27.10 5.43 -7.55
N GLY C 143 -26.22 5.00 -8.44
CA GLY C 143 -26.01 5.74 -9.66
C GLY C 143 -25.01 6.88 -9.55
N ILE C 144 -24.40 7.07 -8.39
CA ILE C 144 -23.44 8.18 -8.18
C ILE C 144 -22.04 7.70 -7.78
N LEU C 145 -21.14 8.64 -7.52
CA LEU C 145 -19.74 8.31 -7.26
C LEU C 145 -19.35 8.66 -5.84
N PRO C 146 -18.50 7.83 -5.23
CA PRO C 146 -17.83 8.28 -4.00
C PRO C 146 -16.66 9.18 -4.40
N ALA C 147 -17.03 10.30 -5.00
CA ALA C 147 -16.12 11.09 -5.81
C ALA C 147 -14.97 11.67 -5.00
N GLN C 148 -15.32 12.30 -3.88
CA GLN C 148 -14.32 12.89 -2.97
C GLN C 148 -13.65 11.82 -2.12
N ILE C 149 -14.35 10.70 -1.87
CA ILE C 149 -13.76 9.62 -1.06
C ILE C 149 -12.60 8.98 -1.83
N ALA C 150 -12.79 8.80 -3.13
CA ALA C 150 -11.91 7.96 -3.96
C ALA C 150 -10.37 8.03 -3.65
N PRO C 151 -9.80 9.24 -3.68
CA PRO C 151 -8.37 9.24 -3.34
C PRO C 151 -8.05 8.90 -1.89
N PHE C 152 -8.90 9.22 -0.93
CA PHE C 152 -8.54 8.92 0.48
C PHE C 152 -8.61 7.41 0.81
N VAL C 153 -9.59 6.69 0.28
CA VAL C 153 -9.65 5.26 0.50
C VAL C 153 -8.51 4.52 -0.28
N VAL C 154 -8.15 5.00 -1.48
CA VAL C 154 -7.02 4.41 -2.20
C VAL C 154 -5.80 4.48 -1.29
N ARG C 155 -5.58 5.63 -0.67
CA ARG C 155 -4.45 5.82 0.24
C ARG C 155 -4.60 5.05 1.54
N ARG C 156 -5.85 4.81 1.92
CA ARG C 156 -6.13 4.16 3.17
C ARG C 156 -5.71 2.72 3.08
N ILE C 157 -6.29 2.02 2.11
CA ILE C 157 -6.27 0.55 2.07
C ILE C 157 -5.64 0.00 0.77
N GLY C 158 -5.24 0.88 -0.13
CA GLY C 158 -4.65 0.48 -1.39
C GLY C 158 -5.69 0.31 -2.48
N LEU C 159 -5.25 0.54 -3.72
CA LEU C 159 -6.10 0.37 -4.91
C LEU C 159 -6.83 -0.99 -5.01
N THR C 160 -6.12 -2.06 -4.70
CA THR C 160 -6.61 -3.42 -4.88
C THR C 160 -7.86 -3.65 -4.03
N GLN C 161 -7.85 -3.20 -2.78
CA GLN C 161 -9.03 -3.34 -1.95
C GLN C 161 -10.07 -2.27 -2.23
N ALA C 162 -9.63 -1.01 -2.41
CA ALA C 162 -10.57 0.09 -2.71
C ALA C 162 -11.36 -0.16 -4.00
N ARG C 163 -10.74 -0.74 -5.03
CA ARG C 163 -11.46 -0.93 -6.30
C ARG C 163 -12.60 -1.96 -6.12
N ARG C 164 -12.39 -3.01 -5.34
CA ARG C 164 -13.47 -3.97 -5.15
C ARG C 164 -14.59 -3.38 -4.27
N LEU C 165 -14.25 -2.71 -3.17
CA LEU C 165 -15.32 -2.09 -2.33
C LEU C 165 -16.15 -1.09 -3.13
N ALA C 166 -15.50 -0.19 -3.85
CA ALA C 166 -16.22 0.87 -4.54
C ALA C 166 -17.10 0.36 -5.69
N LEU C 167 -16.64 -0.66 -6.40
CA LEU C 167 -17.32 -1.09 -7.62
C LEU C 167 -18.30 -2.24 -7.43
N THR C 168 -18.31 -2.84 -6.25
CA THR C 168 -19.34 -3.81 -5.89
C THR C 168 -20.24 -3.30 -4.73
N ALA C 169 -20.01 -2.08 -4.25
CA ALA C 169 -20.80 -1.57 -3.12
C ALA C 169 -20.89 -2.60 -2.00
N ALA C 170 -19.85 -3.41 -1.88
CA ALA C 170 -19.76 -4.42 -0.84
C ALA C 170 -19.79 -3.83 0.56
N ARG C 171 -20.55 -4.46 1.46
CA ARG C 171 -20.62 -4.05 2.85
C ARG C 171 -19.89 -5.04 3.72
N PHE C 172 -19.32 -4.55 4.82
CA PHE C 172 -18.45 -5.37 5.66
C PHE C 172 -18.43 -4.83 7.09
N ASP C 173 -18.06 -5.67 8.03
CA ASP C 173 -18.13 -5.30 9.45
C ASP C 173 -16.84 -4.67 10.01
N GLY C 174 -16.83 -4.42 11.32
CA GLY C 174 -15.66 -3.94 12.06
C GLY C 174 -14.44 -4.85 11.97
N ARG C 175 -14.68 -6.15 11.91
CA ARG C 175 -13.60 -7.12 11.94
C ARG C 175 -12.99 -7.14 10.56
N GLU C 176 -13.84 -7.12 9.55
CA GLU C 176 -13.37 -7.06 8.18
C GLU C 176 -12.62 -5.75 7.92
N ALA C 177 -13.19 -4.62 8.35
CA ALA C 177 -12.50 -3.34 8.25
C ALA C 177 -11.10 -3.35 8.86
N LEU C 178 -10.87 -4.22 9.82
CA LEU C 178 -9.55 -4.33 10.43
C LEU C 178 -8.60 -5.16 9.55
N ARG C 179 -9.10 -6.29 9.06
CA ARG C 179 -8.35 -7.15 8.14
C ARG C 179 -7.92 -6.37 6.89
N LEU C 180 -8.83 -5.49 6.40
CA LEU C 180 -8.59 -4.66 5.21
C LEU C 180 -7.67 -3.48 5.49
N GLY C 181 -7.29 -3.29 6.75
CA GLY C 181 -6.43 -2.18 7.12
C GLY C 181 -7.16 -0.84 7.18
N LEU C 182 -8.48 -0.84 7.18
CA LEU C 182 -9.23 0.40 7.21
C LEU C 182 -9.16 1.08 8.56
N VAL C 183 -9.17 0.29 9.63
CA VAL C 183 -9.05 0.80 10.98
C VAL C 183 -7.95 -0.01 11.65
N HIS C 184 -7.53 0.41 12.83
CA HIS C 184 -6.34 -0.13 13.43
C HIS C 184 -6.69 -1.11 14.50
N PHE C 185 -7.89 -0.93 15.06
CA PHE C 185 -8.29 -1.62 16.27
C PHE C 185 -9.75 -1.96 16.10
N CYS C 186 -10.14 -3.11 16.64
CA CYS C 186 -11.53 -3.53 16.65
C CYS C 186 -11.79 -4.11 18.01
N GLU C 187 -12.95 -3.77 18.60
CA GLU C 187 -13.33 -4.30 19.92
C GLU C 187 -14.80 -4.73 19.89
N ALA C 188 -15.19 -5.63 20.80
CA ALA C 188 -16.50 -6.28 20.75
C ALA C 188 -17.61 -5.47 21.44
N ASP C 189 -17.24 -4.60 22.38
CA ASP C 189 -18.22 -3.74 23.05
C ASP C 189 -17.67 -2.34 23.39
N ALA C 190 -18.59 -1.42 23.63
CA ALA C 190 -18.29 -0.02 23.94
C ALA C 190 -17.32 0.13 25.12
N ASP C 191 -17.53 -0.63 26.18
CA ASP C 191 -16.60 -0.59 27.29
C ASP C 191 -15.16 -0.83 26.77
N ALA C 192 -15.03 -1.54 25.66
CA ALA C 192 -13.72 -1.89 25.10
C ALA C 192 -13.22 -0.82 24.11
N LEU C 193 -14.11 -0.42 23.20
CA LEU C 193 -13.91 0.79 22.40
C LEU C 193 -13.36 1.91 23.30
N GLU C 194 -14.06 2.17 24.41
CA GLU C 194 -13.65 3.15 25.41
C GLU C 194 -12.25 2.95 25.95
N GLN C 195 -11.93 1.71 26.24
CA GLN C 195 -10.69 1.40 26.93
C GLN C 195 -9.54 1.57 25.95
N ARG C 196 -9.80 1.21 24.69
CA ARG C 196 -8.80 1.33 23.61
C ARG C 196 -8.45 2.79 23.35
N LEU C 197 -9.47 3.64 23.39
CA LEU C 197 -9.31 5.08 23.26
C LEU C 197 -8.30 5.66 24.25
N GLU C 198 -8.38 5.24 25.51
CA GLU C 198 -7.60 5.85 26.59
C GLU C 198 -6.20 5.25 26.62
N GLU C 199 -6.10 3.97 26.28
CA GLU C 199 -4.80 3.36 25.99
C GLU C 199 -4.15 4.15 24.84
N THR C 200 -4.91 4.44 23.80
CA THR C 200 -4.37 5.19 22.68
C THR C 200 -3.97 6.60 23.12
N LEU C 201 -4.80 7.25 23.93
CA LEU C 201 -4.51 8.62 24.31
C LEU C 201 -3.30 8.69 25.24
N GLU C 202 -3.09 7.66 26.04
CA GLU C 202 -1.92 7.64 26.92
C GLU C 202 -0.60 7.49 26.12
N GLN C 203 -0.56 6.58 25.16
CA GLN C 203 0.60 6.50 24.26
C GLN C 203 0.92 7.88 23.68
N LEU C 204 -0.11 8.60 23.25
CA LEU C 204 0.07 9.92 22.67
C LEU C 204 0.69 10.98 23.63
N ARG C 205 0.30 10.96 24.90
CA ARG C 205 0.73 11.98 25.83
C ARG C 205 2.24 11.94 26.02
N ARG C 206 2.81 10.75 25.84
CA ARG C 206 4.27 10.55 25.76
C ARG C 206 4.94 11.33 24.63
N CYS C 207 4.19 11.62 23.57
CA CYS C 207 4.75 12.25 22.36
C CYS C 207 4.50 13.76 22.34
N ALA C 208 5.54 14.55 22.08
CA ALA C 208 5.47 16.01 22.12
C ALA C 208 4.81 16.59 20.89
N PRO C 209 3.97 17.61 21.09
CA PRO C 209 3.02 18.03 20.07
C PRO C 209 3.60 18.70 18.84
N ASN C 210 4.71 19.41 18.97
CA ASN C 210 5.34 20.02 17.81
C ASN C 210 6.03 18.94 16.97
N ALA C 211 6.69 18.00 17.64
CA ALA C 211 7.30 16.84 16.99
C ALA C 211 6.26 16.05 16.22
N ASN C 212 5.08 15.87 16.79
CA ASN C 212 4.06 15.11 16.11
C ASN C 212 3.45 15.84 14.90
N ALA C 213 3.38 17.16 14.97
CA ALA C 213 2.86 17.95 13.87
C ALA C 213 3.81 17.90 12.68
N ALA C 214 5.10 18.04 12.97
CA ALA C 214 6.11 18.07 11.92
C ALA C 214 6.27 16.70 11.25
N THR C 215 6.23 15.64 12.07
CA THR C 215 6.27 14.26 11.59
C THR C 215 5.08 13.95 10.67
N LYS C 216 3.87 14.21 11.15
CA LYS C 216 2.68 14.02 10.34
C LYS C 216 2.76 14.72 8.99
N ALA C 217 3.27 15.95 8.97
CA ALA C 217 3.46 16.67 7.71
C ALA C 217 4.41 15.94 6.76
N LEU C 218 5.55 15.49 7.29
CA LEU C 218 6.53 14.71 6.53
C LEU C 218 5.86 13.47 5.95
N LEU C 219 5.30 12.66 6.83
CA LEU C 219 4.53 11.50 6.44
C LEU C 219 3.57 11.80 5.29
N LEU C 220 2.74 12.82 5.46
CA LEU C 220 1.74 13.14 4.42
C LEU C 220 2.38 13.54 3.07
N ALA C 221 3.58 14.10 3.11
CA ALA C 221 4.25 14.62 1.93
C ALA C 221 5.16 13.57 1.26
N SER C 222 5.23 12.37 1.83
CA SER C 222 6.10 11.31 1.29
C SER C 222 5.48 10.62 0.08
N GLU C 223 4.20 10.37 0.23
CA GLU C 223 3.47 9.43 -0.60
C GLU C 223 3.65 9.67 -2.07
N SER C 224 3.78 10.96 -2.40
CA SER C 224 4.30 11.34 -3.68
C SER C 224 4.79 12.77 -3.50
N GLY C 225 6.09 12.82 -3.29
CA GLY C 225 6.87 14.02 -3.06
C GLY C 225 8.31 13.54 -3.16
N GLU C 226 9.04 14.04 -4.16
CA GLU C 226 10.35 13.51 -4.55
C GLU C 226 11.34 13.29 -3.39
N LEU C 227 11.88 12.07 -3.31
CA LEU C 227 12.60 11.56 -2.16
C LEU C 227 13.79 12.44 -1.72
N GLY C 228 14.66 12.75 -2.67
CA GLY C 228 15.84 13.55 -2.39
C GLY C 228 15.54 14.91 -1.80
N ALA C 229 14.68 15.70 -2.43
CA ALA C 229 14.31 17.00 -1.87
C ALA C 229 13.71 16.90 -0.47
N LEU C 230 12.84 15.91 -0.30
CA LEU C 230 12.12 15.66 0.92
C LEU C 230 13.09 15.36 2.04
N LEU C 231 14.08 14.53 1.74
CA LEU C 231 15.06 14.17 2.74
C LEU C 231 15.91 15.38 3.12
N ASP C 232 16.25 16.20 2.13
CA ASP C 232 17.04 17.40 2.39
C ASP C 232 16.30 18.27 3.44
N ASP C 233 15.02 18.51 3.21
CA ASP C 233 14.22 19.36 4.05
C ASP C 233 13.97 18.71 5.41
N ALA C 234 13.53 17.46 5.43
CA ALA C 234 13.37 16.71 6.69
C ALA C 234 14.61 16.77 7.58
N ALA C 235 15.78 16.84 6.96
CA ALA C 235 16.99 16.84 7.73
C ALA C 235 17.17 18.22 8.38
N ARG C 236 16.76 19.29 7.70
CA ARG C 236 16.75 20.62 8.31
C ARG C 236 15.85 20.59 9.54
N GLN C 237 14.64 20.12 9.33
CA GLN C 237 13.65 19.99 10.38
C GLN C 237 14.15 19.14 11.54
N PHE C 238 14.88 18.07 11.24
CA PHE C 238 15.40 17.22 12.29
C PHE C 238 16.36 18.01 13.21
N ALA C 239 17.19 18.85 12.63
CA ALA C 239 18.17 19.61 13.41
C ALA C 239 17.48 20.59 14.35
N GLU C 240 16.34 21.10 13.90
CA GLU C 240 15.59 22.11 14.62
C GLU C 240 14.79 21.51 15.78
N ALA C 241 14.26 20.31 15.56
CA ALA C 241 13.61 19.60 16.65
C ALA C 241 14.65 19.25 17.72
N VAL C 242 15.82 18.78 17.31
CA VAL C 242 16.90 18.44 18.22
C VAL C 242 17.44 19.70 18.92
N GLY C 243 17.28 20.85 18.27
CA GLY C 243 17.74 22.10 18.81
C GLY C 243 16.75 22.87 19.68
N GLY C 244 15.47 22.53 19.56
CA GLY C 244 14.42 23.31 20.17
C GLY C 244 14.08 22.88 21.57
N ALA C 245 12.93 23.36 22.06
CA ALA C 245 12.52 23.17 23.44
C ALA C 245 12.14 21.73 23.67
N GLU C 246 11.16 21.27 22.90
CA GLU C 246 10.92 19.85 22.80
C GLU C 246 12.21 19.33 22.22
N GLY C 247 12.58 18.13 22.61
CA GLY C 247 13.75 17.52 22.05
C GLY C 247 14.90 17.71 23.00
N SER C 248 15.27 18.96 23.26
CA SER C 248 16.32 19.19 24.25
C SER C 248 15.82 18.62 25.59
N GLU C 249 14.55 18.88 25.90
CA GLU C 249 13.91 18.30 27.07
C GLU C 249 13.72 16.77 26.95
N GLY C 250 13.33 16.31 25.76
CA GLY C 250 13.05 14.91 25.56
C GLY C 250 14.31 14.06 25.66
N THR C 251 15.38 14.50 25.01
CA THR C 251 16.65 13.79 25.03
C THR C 251 17.15 13.71 26.46
N LEU C 252 16.96 14.80 27.20
CA LEU C 252 17.39 14.90 28.57
C LEU C 252 16.66 13.89 29.45
N ALA C 253 15.33 13.95 29.41
CA ALA C 253 14.49 13.15 30.28
C ALA C 253 14.78 11.69 30.02
N PHE C 254 15.18 11.39 28.79
CA PHE C 254 15.51 10.03 28.37
C PHE C 254 16.83 9.54 28.94
N VAL C 255 17.83 10.40 28.84
CA VAL C 255 19.17 10.18 29.39
C VAL C 255 19.13 10.22 30.94
N GLN C 256 18.17 11.00 31.46
CA GLN C 256 17.82 11.01 32.86
C GLN C 256 16.80 9.91 33.12
N LYS C 257 16.43 9.70 34.39
CA LYS C 257 15.53 8.62 34.73
C LYS C 257 14.05 8.86 34.34
N ARG C 258 13.67 10.10 34.02
CA ARG C 258 12.24 10.51 34.05
C ARG C 258 11.49 10.63 32.71
N LYS C 259 10.18 10.79 32.84
CA LYS C 259 9.30 11.33 31.82
C LYS C 259 9.62 12.80 31.42
N PRO C 260 9.48 13.14 30.11
CA PRO C 260 9.52 14.55 29.72
C PRO C 260 8.26 15.30 30.18
N VAL C 261 8.27 16.63 30.16
CA VAL C 261 7.16 17.42 30.68
C VAL C 261 5.79 17.05 30.10
N TRP C 262 5.71 16.95 28.76
CA TRP C 262 4.44 16.70 28.06
C TRP C 262 3.86 15.37 28.46
N ALA C 263 4.67 14.51 29.06
CA ALA C 263 4.25 13.19 29.48
C ALA C 263 3.81 13.15 30.98
N GLN C 264 4.28 14.11 31.77
CA GLN C 264 4.01 14.12 33.24
C GLN C 264 2.53 14.32 33.56
#